data_6I8H
#
_entry.id   6I8H
#
_cell.length_a   145.887
_cell.length_b   145.887
_cell.length_c   152.770
_cell.angle_alpha   90.00
_cell.angle_beta   90.00
_cell.angle_gamma   120.00
#
_symmetry.space_group_name_H-M   'P 63 2 2'
#
loop_
_entity.id
_entity.type
_entity.pdbx_description
1 polymer 'Protein EDS1L'
2 polymer 'EDS1-specific nanobody'
#
loop_
_entity_poly.entity_id
_entity_poly.type
_entity_poly.pdbx_seq_one_letter_code
_entity_poly.pdbx_strand_id
1 'polypeptide(L)'
;MAFEALTGINGDLITRSWSASKQAYLTERYHKEEAGAVVIFAFQPSFSEKDFFDPDNKSSFGEIKLNRVQFPCMRKIGKG
DVATVNEAFLKNLEAVIDPRTSFQASVEMAVRSRKQIVFTGHSSGGATAILATVWYLEKYFIRNPNVYLEPRCVTFGAPL
VGDSIFSHALGREKWSRFFVNFVTRFDIVPRITLARKASVEETLPHVLAQLDPRNSSVQESEQRITEFYTSVMRDTSTVA
NQAVCELTGSAEAILETLSSFLELSPYRPAGTFVFSTEKRLVAVNNSDAILQMLFYTCQASDEQEWSLIPFRSIRDHHSY
EELVQSMGMKLFNHLDGENSIESSLNDLGVSTRGRQYVQAALEEEKKRVENQKKIIQVIQQERFLKKLAWIEDEYKPKCQ
AHKNGYYDSFKVSNEENDFKANVKRAELAGVFDEVLGLLKKCQLPDEFEGDIDWIKLATRYRRLVEPLDIANYHRHLKNE
DTGPYMKRGRPTRYIYAQRGYEHHILKPNGMIAEDVFWNKVNGLNLGLQLEEIQETLKNSGSECGSCFWAEVEELKGKPY
EEVEVRVKTLEGMLREWITAGEVDEKEIFLEGSTFRKWWITLPKNHKSHSPLRDYMMDEITDTLEHHHHHH
;
A
2 'polypeptide(L)'
;QVQLQESGGGLVQAGGSLRLSCAGSGRTFSTYDMAWFRQAPGKEREFVSSISSSGGNVVYRDSVKGRFTIARDNAANAVY
LQMNSLKPEDTAVYYCAAKWLAADYNYWGQGTQVTVSSAAAYPYDVPDYGSHHHHHH
;
B
#
# COMPACT_ATOMS: atom_id res chain seq x y z
N PHE A 3 -31.07 1.69 5.98
CA PHE A 3 -29.74 2.25 6.17
C PHE A 3 -28.88 1.34 7.05
N GLU A 4 -29.50 0.76 8.07
CA GLU A 4 -28.74 0.03 9.08
C GLU A 4 -28.32 -1.36 8.59
N ALA A 5 -29.15 -1.99 7.76
CA ALA A 5 -28.82 -3.31 7.23
C ALA A 5 -27.73 -3.26 6.17
N LEU A 6 -27.36 -2.07 5.70
CA LEU A 6 -26.33 -1.89 4.67
C LEU A 6 -25.01 -1.43 5.27
N THR A 7 -25.04 -0.43 6.15
CA THR A 7 -23.83 0.15 6.71
C THR A 7 -23.34 -0.56 7.96
N GLY A 8 -24.20 -1.34 8.62
CA GLY A 8 -23.84 -2.04 9.82
C GLY A 8 -23.76 -1.20 11.07
N ILE A 9 -24.19 0.07 11.00
CA ILE A 9 -24.27 0.94 12.15
C ILE A 9 -25.67 1.53 12.21
N ASN A 10 -26.15 1.77 13.44
CA ASN A 10 -27.48 2.31 13.66
C ASN A 10 -27.39 3.78 14.07
N GLY A 11 -28.56 4.38 14.29
CA GLY A 11 -28.61 5.78 14.69
C GLY A 11 -28.02 6.01 16.07
N ASP A 12 -28.08 5.00 16.94
CA ASP A 12 -27.51 5.11 18.27
C ASP A 12 -26.00 5.32 18.19
N LEU A 13 -25.31 4.48 17.40
CA LEU A 13 -23.87 4.60 17.29
C LEU A 13 -23.48 5.92 16.63
N ILE A 14 -24.21 6.33 15.59
CA ILE A 14 -23.95 7.62 14.95
C ILE A 14 -24.08 8.75 15.95
N THR A 15 -25.13 8.73 16.76
CA THR A 15 -25.35 9.77 17.76
C THR A 15 -24.23 9.80 18.80
N ARG A 16 -23.86 8.62 19.31
CA ARG A 16 -22.77 8.56 20.29
C ARG A 16 -21.46 9.02 19.67
N SER A 17 -21.23 8.67 18.40
CA SER A 17 -20.00 9.08 17.73
C SER A 17 -19.96 10.60 17.59
N TRP A 18 -21.11 11.21 17.26
CA TRP A 18 -21.15 12.67 17.15
C TRP A 18 -20.92 13.32 18.51
N SER A 19 -21.54 12.78 19.57
CA SER A 19 -21.33 13.32 20.91
C SER A 19 -19.86 13.24 21.31
N ALA A 20 -19.21 12.10 21.03
CA ALA A 20 -17.80 11.97 21.35
C ALA A 20 -16.95 12.92 20.51
N SER A 21 -17.29 13.06 19.22
CA SER A 21 -16.56 13.99 18.36
C SER A 21 -16.63 15.41 18.91
N LYS A 22 -17.79 15.79 19.44
CA LYS A 22 -17.94 17.10 20.04
C LYS A 22 -17.13 17.21 21.33
N GLN A 23 -17.17 16.17 22.16
CA GLN A 23 -16.40 16.18 23.41
C GLN A 23 -14.90 16.26 23.13
N ALA A 24 -14.46 15.69 22.01
CA ALA A 24 -13.04 15.69 21.66
C ALA A 24 -12.47 17.08 21.47
N TYR A 25 -13.32 18.07 21.19
CA TYR A 25 -12.85 19.45 21.10
C TYR A 25 -12.23 19.92 22.41
N LEU A 26 -12.67 19.34 23.53
CA LEU A 26 -12.30 19.81 24.86
C LEU A 26 -11.18 18.99 25.50
N THR A 27 -10.63 18.00 24.81
CA THR A 27 -9.63 17.12 25.39
C THR A 27 -8.32 17.21 24.61
N GLU A 28 -7.27 16.67 25.21
CA GLU A 28 -5.97 16.52 24.56
C GLU A 28 -5.97 15.31 23.64
N ARG A 29 -5.64 15.55 22.36
CA ARG A 29 -5.49 14.51 21.34
C ARG A 29 -6.78 13.75 21.06
N TYR A 30 -7.33 13.10 22.09
CA TYR A 30 -8.49 12.25 21.87
C TYR A 30 -9.32 12.17 23.15
N HIS A 31 -10.57 11.74 22.96
CA HIS A 31 -11.49 11.45 24.06
C HIS A 31 -11.94 10.00 23.93
N LYS A 32 -11.92 9.27 25.04
CA LYS A 32 -12.42 7.90 25.10
C LYS A 32 -13.78 7.90 25.80
N GLU A 33 -14.80 7.37 25.14
CA GLU A 33 -16.13 7.23 25.71
C GLU A 33 -16.47 5.76 25.84
N GLU A 34 -16.67 5.30 27.08
CA GLU A 34 -17.07 3.93 27.36
C GLU A 34 -18.58 3.87 27.52
N ALA A 35 -19.24 3.14 26.61
CA ALA A 35 -20.70 3.02 26.59
C ALA A 35 -21.05 1.53 26.60
N GLY A 36 -20.83 0.90 27.76
CA GLY A 36 -21.17 -0.50 27.92
C GLY A 36 -20.26 -1.39 27.10
N ALA A 37 -20.83 -1.88 26.00
CA ALA A 37 -20.15 -2.78 25.08
C ALA A 37 -19.36 -2.02 24.01
N VAL A 38 -19.54 -0.71 23.90
CA VAL A 38 -18.88 0.08 22.87
C VAL A 38 -17.84 0.99 23.50
N VAL A 39 -16.66 1.06 22.88
CA VAL A 39 -15.63 2.02 23.25
C VAL A 39 -15.37 2.91 22.05
N ILE A 40 -15.60 4.21 22.22
CA ILE A 40 -15.49 5.18 21.13
C ILE A 40 -14.26 6.03 21.35
N PHE A 41 -13.40 6.10 20.33
CA PHE A 41 -12.21 6.96 20.34
C PHE A 41 -12.46 8.11 19.38
N ALA A 42 -12.61 9.32 19.92
CA ALA A 42 -12.84 10.52 19.12
C ALA A 42 -11.58 11.35 19.10
N PHE A 43 -11.21 11.86 17.93
CA PHE A 43 -9.94 12.56 17.76
C PHE A 43 -10.17 14.05 17.63
N GLN A 44 -9.35 14.83 18.30
CA GLN A 44 -9.47 16.29 18.29
C GLN A 44 -9.17 16.84 16.91
N PRO A 45 -10.09 17.58 16.29
CA PRO A 45 -9.80 18.20 14.99
C PRO A 45 -8.87 19.39 15.14
N SER A 46 -8.27 19.78 14.01
CA SER A 46 -7.39 20.93 13.96
C SER A 46 -7.73 21.76 12.72
N PHE A 47 -7.53 23.08 12.84
CA PHE A 47 -7.90 24.02 11.79
C PHE A 47 -6.77 24.96 11.44
N SER A 48 -5.53 24.48 11.51
CA SER A 48 -4.38 25.21 11.00
C SER A 48 -3.91 24.60 9.69
N GLU A 49 -3.44 25.45 8.77
CA GLU A 49 -3.01 24.97 7.47
C GLU A 49 -1.86 23.97 7.60
N LYS A 50 -1.08 24.08 8.69
CA LYS A 50 0.01 23.14 8.91
C LYS A 50 -0.52 21.71 9.01
N ASP A 51 -1.74 21.55 9.51
CA ASP A 51 -2.32 20.24 9.76
C ASP A 51 -3.10 19.72 8.56
N PHE A 52 -3.09 20.45 7.45
CA PHE A 52 -3.66 20.02 6.19
C PHE A 52 -2.60 19.81 5.12
N PHE A 53 -1.69 20.76 4.97
CA PHE A 53 -0.53 20.65 4.10
C PHE A 53 0.72 20.85 4.95
N ASP A 54 1.46 19.76 5.17
CA ASP A 54 2.66 19.81 5.98
C ASP A 54 3.67 20.78 5.38
N PRO A 55 4.22 21.70 6.16
CA PRO A 55 5.15 22.70 5.59
C PRO A 55 6.36 22.06 4.92
N ASP A 56 6.86 20.96 5.45
CA ASP A 56 8.05 20.31 4.94
C ASP A 56 7.75 19.37 3.78
N ASN A 57 6.48 19.17 3.45
CA ASN A 57 6.11 18.34 2.32
C ASN A 57 6.29 19.14 1.03
N LYS A 58 7.05 18.56 0.09
CA LYS A 58 7.40 19.25 -1.15
C LYS A 58 6.59 18.75 -2.34
N SER A 59 5.47 18.06 -2.08
CA SER A 59 4.60 17.60 -3.14
C SER A 59 3.41 18.53 -3.29
N SER A 60 2.80 18.51 -4.48
CA SER A 60 1.77 19.50 -4.81
C SER A 60 0.47 19.29 -4.04
N PHE A 61 0.31 18.17 -3.33
CA PHE A 61 -0.91 17.87 -2.61
C PHE A 61 -0.64 17.34 -1.21
N GLY A 62 0.57 17.56 -0.69
CA GLY A 62 0.90 17.10 0.65
C GLY A 62 0.80 15.59 0.82
N GLU A 63 1.05 14.84 -0.24
CA GLU A 63 0.87 13.40 -0.22
C GLU A 63 2.19 12.72 0.11
N ILE A 64 2.09 11.48 0.60
CA ILE A 64 3.29 10.68 0.89
C ILE A 64 2.92 9.20 0.79
N LYS A 65 3.85 8.40 0.28
CA LYS A 65 3.66 6.97 0.20
C LYS A 65 3.74 6.32 1.58
N LEU A 66 2.86 5.35 1.82
CA LEU A 66 2.89 4.60 3.07
C LEU A 66 4.11 3.71 3.12
N ASN A 67 4.55 3.39 4.34
CA ASN A 67 5.65 2.44 4.52
C ASN A 67 5.13 1.02 4.37
N ARG A 68 5.69 0.29 3.40
CA ARG A 68 5.20 -1.05 3.08
C ARG A 68 5.40 -2.02 4.24
N VAL A 69 6.29 -1.71 5.18
CA VAL A 69 6.51 -2.57 6.33
C VAL A 69 5.35 -2.48 7.33
N GLN A 70 4.90 -1.26 7.61
CA GLN A 70 3.89 -1.01 8.62
C GLN A 70 2.47 -1.12 8.09
N PHE A 71 2.27 -1.00 6.79
CA PHE A 71 0.95 -1.14 6.16
C PHE A 71 1.06 -2.06 4.95
N PRO A 72 1.39 -3.33 5.17
CA PRO A 72 1.67 -4.21 4.02
C PRO A 72 0.48 -4.41 3.09
N CYS A 73 -0.74 -4.24 3.59
CA CYS A 73 -1.92 -4.45 2.74
C CYS A 73 -2.29 -3.23 1.92
N MET A 74 -1.86 -2.02 2.31
CA MET A 74 -2.26 -0.81 1.61
C MET A 74 -1.39 -0.62 0.37
N ARG A 75 -1.70 -1.38 -0.67
CA ARG A 75 -0.93 -1.41 -1.90
C ARG A 75 -1.69 -2.25 -2.91
N LYS A 76 -1.26 -2.17 -4.17
CA LYS A 76 -1.71 -3.13 -5.16
C LYS A 76 -0.81 -4.35 -5.08
N ILE A 77 -1.43 -5.53 -5.12
CA ILE A 77 -0.68 -6.77 -4.91
C ILE A 77 0.20 -7.08 -6.13
N GLY A 78 -0.43 -7.32 -7.27
CA GLY A 78 0.32 -7.67 -8.45
C GLY A 78 1.25 -6.55 -8.92
N LYS A 79 0.74 -5.32 -8.95
CA LYS A 79 1.54 -4.22 -9.47
C LYS A 79 2.60 -3.77 -8.47
N GLY A 80 2.32 -3.89 -7.17
CA GLY A 80 3.28 -3.55 -6.15
C GLY A 80 3.18 -2.14 -5.61
N ASP A 81 2.64 -1.21 -6.41
CA ASP A 81 2.59 0.19 -6.05
C ASP A 81 1.91 0.40 -4.70
N VAL A 82 2.61 1.06 -3.78
CA VAL A 82 2.06 1.32 -2.46
C VAL A 82 1.08 2.49 -2.51
N ALA A 83 0.21 2.56 -1.51
CA ALA A 83 -0.77 3.63 -1.46
C ALA A 83 -0.13 4.94 -0.99
N THR A 84 -0.84 6.03 -1.25
CA THR A 84 -0.42 7.37 -0.85
C THR A 84 -1.51 7.98 0.03
N VAL A 85 -1.10 8.65 1.10
CA VAL A 85 -2.02 9.33 1.99
C VAL A 85 -1.57 10.77 2.23
N ASN A 86 -2.45 11.55 2.85
CA ASN A 86 -2.12 12.90 3.29
C ASN A 86 -1.07 12.85 4.39
N GLU A 87 0.05 13.55 4.18
CA GLU A 87 1.14 13.50 5.15
C GLU A 87 0.75 14.12 6.48
N ALA A 88 0.06 15.28 6.46
CA ALA A 88 -0.33 15.92 7.71
C ALA A 88 -1.20 15.01 8.57
N PHE A 89 -2.15 14.31 7.94
CA PHE A 89 -3.02 13.42 8.69
C PHE A 89 -2.24 12.23 9.23
N LEU A 90 -1.26 11.74 8.46
CA LEU A 90 -0.45 10.63 8.92
C LEU A 90 0.42 11.05 10.09
N LYS A 91 0.97 12.26 10.04
CA LYS A 91 1.74 12.77 11.17
C LYS A 91 0.86 12.94 12.40
N ASN A 92 -0.40 13.35 12.22
CA ASN A 92 -1.28 13.51 13.38
C ASN A 92 -1.62 12.16 14.00
N LEU A 93 -1.88 11.15 13.16
CA LEU A 93 -2.10 9.81 13.68
C LEU A 93 -0.86 9.29 14.39
N GLU A 94 0.31 9.50 13.78
CA GLU A 94 1.57 9.09 14.37
C GLU A 94 1.75 9.76 15.73
N ALA A 95 1.33 11.03 15.84
CA ALA A 95 1.48 11.79 17.07
C ALA A 95 0.53 11.29 18.16
N VAL A 96 -0.60 10.70 17.75
CA VAL A 96 -1.57 10.23 18.75
C VAL A 96 -1.33 8.76 19.14
N ILE A 97 -0.69 7.97 18.26
CA ILE A 97 -0.36 6.59 18.59
C ILE A 97 0.80 6.53 19.57
N ASP A 98 1.59 7.61 19.64
CA ASP A 98 2.66 7.85 20.61
C ASP A 98 2.28 7.37 22.00
N PRO A 99 3.06 6.43 22.54
CA PRO A 99 2.75 5.80 23.83
C PRO A 99 2.32 6.75 24.93
N ARG A 100 2.85 7.97 24.98
CA ARG A 100 2.52 8.89 26.07
C ARG A 100 1.06 9.32 26.05
N THR A 101 0.33 9.09 24.97
CA THR A 101 -1.04 9.54 24.85
C THR A 101 -2.03 8.53 25.40
N SER A 102 -1.56 7.31 25.71
CA SER A 102 -2.34 6.19 26.22
C SER A 102 -3.36 5.68 25.20
N PHE A 103 -3.31 6.15 23.97
CA PHE A 103 -4.26 5.73 22.95
C PHE A 103 -4.10 4.24 22.66
N GLN A 104 -2.86 3.80 22.42
CA GLN A 104 -2.60 2.42 22.09
C GLN A 104 -2.92 1.50 23.26
N ALA A 105 -2.53 1.89 24.47
CA ALA A 105 -2.84 1.09 25.64
C ALA A 105 -4.35 0.92 25.81
N SER A 106 -5.12 1.98 25.56
CA SER A 106 -6.57 1.88 25.65
C SER A 106 -7.13 0.99 24.56
N VAL A 107 -6.59 1.09 23.34
CA VAL A 107 -7.02 0.22 22.25
C VAL A 107 -6.78 -1.24 22.62
N GLU A 108 -5.60 -1.55 23.16
CA GLU A 108 -5.31 -2.94 23.52
C GLU A 108 -6.15 -3.40 24.70
N MET A 109 -6.46 -2.51 25.65
CA MET A 109 -7.36 -2.87 26.74
C MET A 109 -8.74 -3.22 26.21
N ALA A 110 -9.24 -2.45 25.24
CA ALA A 110 -10.52 -2.78 24.63
C ALA A 110 -10.44 -4.07 23.81
N VAL A 111 -9.28 -4.33 23.20
CA VAL A 111 -9.12 -5.56 22.43
C VAL A 111 -9.19 -6.77 23.33
N ARG A 112 -8.46 -6.73 24.45
CA ARG A 112 -8.48 -7.87 25.37
C ARG A 112 -9.86 -8.06 25.98
N SER A 113 -10.64 -6.99 26.04
CA SER A 113 -11.97 -7.04 26.64
C SER A 113 -13.04 -7.35 25.60
N ARG A 114 -12.62 -7.62 24.36
CA ARG A 114 -13.56 -7.93 23.27
C ARG A 114 -14.63 -6.85 23.10
N LYS A 115 -14.26 -5.60 23.38
CA LYS A 115 -15.17 -4.48 23.22
C LYS A 115 -15.28 -4.10 21.75
N GLN A 116 -16.43 -3.55 21.37
CA GLN A 116 -16.59 -2.96 20.05
C GLN A 116 -15.84 -1.64 19.98
N ILE A 117 -14.78 -1.59 19.18
CA ILE A 117 -13.96 -0.39 19.04
C ILE A 117 -14.51 0.47 17.92
N VAL A 118 -14.67 1.76 18.17
CA VAL A 118 -15.21 2.71 17.20
C VAL A 118 -14.26 3.89 17.10
N PHE A 119 -13.86 4.23 15.89
CA PHE A 119 -13.06 5.42 15.63
C PHE A 119 -13.93 6.48 14.98
N THR A 120 -13.82 7.71 15.45
CA THR A 120 -14.67 8.79 14.97
C THR A 120 -13.92 10.11 15.10
N GLY A 121 -14.46 11.13 14.45
CA GLY A 121 -13.89 12.45 14.49
C GLY A 121 -14.63 13.41 13.58
N HIS A 122 -14.58 14.69 13.89
CA HIS A 122 -15.16 15.71 13.02
C HIS A 122 -14.06 16.39 12.22
N SER A 123 -14.38 16.74 10.98
CA SER A 123 -13.47 17.44 10.07
C SER A 123 -12.20 16.61 9.93
N SER A 124 -11.01 17.20 10.04
CA SER A 124 -9.78 16.45 9.90
C SER A 124 -9.59 15.38 10.97
N GLY A 125 -10.26 15.53 12.12
CA GLY A 125 -10.19 14.47 13.12
C GLY A 125 -10.80 13.18 12.62
N GLY A 126 -11.84 13.29 11.78
CA GLY A 126 -12.41 12.08 11.21
C GLY A 126 -11.45 11.43 10.25
N ALA A 127 -10.63 12.26 9.58
CA ALA A 127 -9.63 11.72 8.69
C ALA A 127 -8.60 10.95 9.50
N THR A 128 -8.24 11.47 10.68
CA THR A 128 -7.33 10.74 11.54
C THR A 128 -7.95 9.41 11.94
N ALA A 129 -9.26 9.43 12.22
CA ALA A 129 -9.94 8.20 12.59
C ALA A 129 -9.81 7.18 11.47
N ILE A 130 -9.95 7.63 10.22
CA ILE A 130 -9.83 6.71 9.10
C ILE A 130 -8.45 6.08 9.09
N LEU A 131 -7.41 6.89 9.30
CA LEU A 131 -6.07 6.32 9.30
C LEU A 131 -5.87 5.45 10.52
N ALA A 132 -6.48 5.81 11.64
CA ALA A 132 -6.33 4.98 12.82
C ALA A 132 -6.99 3.65 12.58
N THR A 133 -8.11 3.65 11.85
CA THR A 133 -8.77 2.38 11.56
C THR A 133 -7.86 1.53 10.70
N VAL A 134 -7.22 2.12 9.70
CA VAL A 134 -6.30 1.34 8.88
C VAL A 134 -5.17 0.82 9.75
N TRP A 135 -4.62 1.68 10.62
CA TRP A 135 -3.59 1.21 11.54
C TRP A 135 -4.10 0.05 12.37
N TYR A 136 -5.33 0.18 12.90
CA TYR A 136 -5.91 -0.91 13.67
C TYR A 136 -6.07 -2.14 12.80
N LEU A 137 -6.55 -1.95 11.57
CA LEU A 137 -6.76 -3.09 10.70
C LEU A 137 -5.43 -3.77 10.43
N GLU A 138 -4.37 -2.99 10.28
CA GLU A 138 -3.07 -3.60 10.02
C GLU A 138 -2.51 -4.23 11.29
N LYS A 139 -2.68 -3.59 12.44
CA LYS A 139 -2.02 -4.10 13.64
C LYS A 139 -2.80 -5.21 14.32
N TYR A 140 -4.13 -5.14 14.31
CA TYR A 140 -4.94 -6.07 15.10
C TYR A 140 -5.88 -6.92 14.27
N PHE A 141 -6.74 -6.30 13.44
CA PHE A 141 -7.80 -7.05 12.78
C PHE A 141 -7.26 -8.11 11.83
N ILE A 142 -6.25 -7.76 11.02
CA ILE A 142 -5.71 -8.71 10.07
C ILE A 142 -5.00 -9.87 10.75
N ARG A 143 -4.56 -9.69 12.00
CA ARG A 143 -3.83 -10.74 12.69
C ARG A 143 -4.75 -11.81 13.25
N ASN A 144 -6.00 -11.46 13.54
CA ASN A 144 -7.00 -12.41 14.05
C ASN A 144 -8.40 -11.89 13.82
N PRO A 145 -8.93 -11.99 12.60
CA PRO A 145 -10.20 -11.33 12.28
C PRO A 145 -11.40 -11.96 12.97
N ASN A 146 -11.76 -11.44 14.14
CA ASN A 146 -12.98 -11.83 14.83
C ASN A 146 -14.07 -10.80 14.55
N VAL A 147 -15.32 -11.20 14.81
CA VAL A 147 -16.40 -10.24 14.74
C VAL A 147 -16.32 -9.23 15.89
N TYR A 148 -15.73 -9.63 17.01
CA TYR A 148 -15.56 -8.68 18.11
C TYR A 148 -14.50 -7.65 17.77
N LEU A 149 -13.55 -8.04 16.91
CA LEU A 149 -12.42 -7.20 16.57
C LEU A 149 -12.74 -6.26 15.41
N GLU A 150 -13.84 -6.48 14.71
CA GLU A 150 -14.24 -5.64 13.61
C GLU A 150 -14.37 -4.21 14.08
N PRO A 151 -13.66 -3.26 13.47
CA PRO A 151 -13.84 -1.86 13.88
C PRO A 151 -14.98 -1.17 13.15
N ARG A 152 -15.26 0.07 13.54
CA ARG A 152 -16.16 0.94 12.79
C ARG A 152 -15.50 2.29 12.70
N CYS A 153 -15.54 2.89 11.52
CA CYS A 153 -15.04 4.25 11.34
C CYS A 153 -16.18 5.14 10.87
N VAL A 154 -16.47 6.18 11.64
CA VAL A 154 -17.55 7.11 11.33
C VAL A 154 -16.95 8.51 11.32
N THR A 155 -17.02 9.18 10.17
CA THR A 155 -16.45 10.50 10.02
C THR A 155 -17.55 11.49 9.64
N PHE A 156 -17.32 12.76 9.97
CA PHE A 156 -18.27 13.82 9.65
C PHE A 156 -17.50 14.95 8.96
N GLY A 157 -17.78 15.14 7.68
CA GLY A 157 -17.11 16.19 6.91
C GLY A 157 -15.61 16.01 6.86
N ALA A 158 -15.15 14.78 6.72
CA ALA A 158 -13.72 14.54 6.70
C ALA A 158 -13.13 14.89 5.32
N PRO A 159 -11.91 15.42 5.30
CA PRO A 159 -11.20 15.56 4.02
C PRO A 159 -10.88 14.19 3.43
N LEU A 160 -10.58 14.18 2.13
CA LEU A 160 -10.11 12.96 1.52
C LEU A 160 -8.71 12.63 2.04
N VAL A 161 -8.38 11.34 2.07
CA VAL A 161 -7.16 10.86 2.72
C VAL A 161 -6.25 10.13 1.75
N GLY A 162 -6.79 9.15 1.02
CA GLY A 162 -5.99 8.32 0.15
C GLY A 162 -6.30 8.50 -1.33
N ASP A 163 -5.49 7.82 -2.14
CA ASP A 163 -5.62 7.81 -3.58
C ASP A 163 -6.45 6.63 -4.05
N SER A 164 -6.39 6.34 -5.36
CA SER A 164 -7.17 5.26 -5.94
C SER A 164 -6.66 3.90 -5.47
N ILE A 165 -5.35 3.80 -5.22
CA ILE A 165 -4.77 2.55 -4.71
C ILE A 165 -5.25 2.30 -3.29
N PHE A 166 -5.33 3.35 -2.47
CA PHE A 166 -5.88 3.23 -1.12
C PHE A 166 -7.28 2.62 -1.15
N SER A 167 -8.17 3.18 -1.97
CA SER A 167 -9.53 2.66 -2.10
C SER A 167 -9.54 1.24 -2.64
N HIS A 168 -8.73 0.97 -3.68
CA HIS A 168 -8.67 -0.38 -4.24
C HIS A 168 -8.25 -1.41 -3.19
N ALA A 169 -7.22 -1.09 -2.42
CA ALA A 169 -6.74 -2.01 -1.39
C ALA A 169 -7.80 -2.23 -0.32
N LEU A 170 -8.48 -1.15 0.11
CA LEU A 170 -9.57 -1.32 1.07
C LEU A 170 -10.65 -2.24 0.51
N GLY A 171 -10.94 -2.11 -0.79
CA GLY A 171 -11.95 -2.97 -1.40
C GLY A 171 -11.51 -4.41 -1.46
N ARG A 172 -10.25 -4.66 -1.82
CA ARG A 172 -9.74 -6.02 -1.96
C ARG A 172 -9.77 -6.75 -0.63
N GLU A 173 -9.42 -6.07 0.46
CA GLU A 173 -9.40 -6.69 1.77
C GLU A 173 -10.77 -6.79 2.41
N LYS A 174 -11.81 -6.30 1.73
CA LYS A 174 -13.18 -6.24 2.26
C LYS A 174 -13.24 -5.41 3.54
N TRP A 175 -12.54 -4.28 3.53
CA TRP A 175 -12.51 -3.37 4.67
C TRP A 175 -13.39 -2.15 4.46
N SER A 176 -13.74 -1.84 3.20
CA SER A 176 -14.52 -0.65 2.89
C SER A 176 -15.84 -0.59 3.66
N ARG A 177 -16.44 -1.75 3.95
CA ARG A 177 -17.71 -1.79 4.66
C ARG A 177 -17.65 -1.16 6.05
N PHE A 178 -16.45 -1.00 6.63
CA PHE A 178 -16.32 -0.45 7.97
C PHE A 178 -16.33 1.07 8.00
N PHE A 179 -16.25 1.74 6.85
CA PHE A 179 -16.06 3.19 6.80
C PHE A 179 -17.35 3.86 6.33
N VAL A 180 -17.85 4.79 7.13
CA VAL A 180 -18.98 5.64 6.76
C VAL A 180 -18.56 7.09 6.93
N ASN A 181 -18.68 7.88 5.86
CA ASN A 181 -18.31 9.29 5.86
C ASN A 181 -19.54 10.13 5.56
N PHE A 182 -20.00 10.89 6.55
CA PHE A 182 -21.16 11.76 6.35
C PHE A 182 -20.69 13.08 5.76
N VAL A 183 -21.36 13.52 4.70
CA VAL A 183 -21.00 14.77 4.01
C VAL A 183 -22.27 15.55 3.72
N THR A 184 -22.43 16.70 4.38
CA THR A 184 -23.52 17.60 4.02
C THR A 184 -23.27 18.13 2.62
N ARG A 185 -24.37 18.25 1.85
CA ARG A 185 -24.30 18.47 0.40
C ARG A 185 -23.23 19.46 -0.03
N PHE A 186 -23.19 20.63 0.60
CA PHE A 186 -22.32 21.72 0.17
C PHE A 186 -21.00 21.77 0.91
N ASP A 187 -20.79 20.90 1.90
CA ASP A 187 -19.59 20.96 2.75
C ASP A 187 -18.30 21.02 1.95
N ILE A 188 -17.55 22.11 2.13
CA ILE A 188 -16.35 22.36 1.36
C ILE A 188 -15.17 21.51 1.83
N VAL A 189 -15.19 21.06 3.09
CA VAL A 189 -14.02 20.38 3.66
C VAL A 189 -13.68 19.09 2.94
N PRO A 190 -14.63 18.22 2.57
CA PRO A 190 -14.25 17.04 1.77
C PRO A 190 -13.70 17.38 0.40
N ARG A 191 -13.82 18.62 -0.06
CA ARG A 191 -13.35 19.02 -1.38
C ARG A 191 -11.98 19.69 -1.34
N ILE A 192 -11.55 20.13 -0.15
CA ILE A 192 -10.35 20.96 -0.01
C ILE A 192 -9.14 20.31 -0.67
N THR A 193 -8.85 19.06 -0.30
CA THR A 193 -7.63 18.42 -0.79
C THR A 193 -7.69 18.03 -2.27
N LEU A 194 -8.80 18.31 -2.96
CA LEU A 194 -8.86 18.12 -4.40
C LEU A 194 -8.24 19.27 -5.19
N ALA A 195 -7.87 20.35 -4.52
CA ALA A 195 -7.23 21.49 -5.14
C ALA A 195 -5.72 21.46 -4.97
N ARG A 196 -5.03 22.04 -5.96
CA ARG A 196 -3.60 22.27 -5.85
C ARG A 196 -3.30 23.19 -4.68
N LYS A 197 -2.24 22.87 -3.93
CA LYS A 197 -1.90 23.66 -2.75
C LYS A 197 -1.49 25.08 -3.08
N ALA A 198 -1.00 25.33 -4.30
CA ALA A 198 -0.66 26.68 -4.71
C ALA A 198 -1.92 27.52 -4.96
N SER A 199 -3.02 26.85 -5.31
CA SER A 199 -4.27 27.53 -5.63
C SER A 199 -4.96 28.12 -4.41
N VAL A 200 -4.66 27.63 -3.20
CA VAL A 200 -5.36 28.09 -2.00
C VAL A 200 -4.37 28.52 -0.92
N GLU A 201 -3.10 28.66 -1.27
CA GLU A 201 -2.08 28.97 -0.28
C GLU A 201 -2.37 30.28 0.45
N GLU A 202 -3.01 31.24 -0.25
CA GLU A 202 -3.27 32.56 0.30
C GLU A 202 -4.57 32.62 1.10
N THR A 203 -5.57 31.82 0.74
CA THR A 203 -6.91 31.91 1.29
C THR A 203 -7.23 30.81 2.29
N LEU A 204 -6.45 29.73 2.33
CA LEU A 204 -6.72 28.64 3.25
C LEU A 204 -6.76 29.04 4.73
N PRO A 205 -5.83 29.85 5.25
CA PRO A 205 -5.90 30.18 6.69
C PRO A 205 -7.19 30.89 7.09
N HIS A 206 -7.71 31.78 6.23
CA HIS A 206 -8.94 32.47 6.56
C HIS A 206 -10.12 31.52 6.57
N VAL A 207 -10.20 30.63 5.59
CA VAL A 207 -11.32 29.70 5.54
C VAL A 207 -11.26 28.74 6.72
N LEU A 208 -10.06 28.24 7.03
CA LEU A 208 -9.91 27.37 8.20
C LEU A 208 -10.31 28.09 9.48
N ALA A 209 -10.02 29.39 9.55
CA ALA A 209 -10.41 30.17 10.73
C ALA A 209 -11.93 30.30 10.81
N GLN A 210 -12.60 30.35 9.66
CA GLN A 210 -14.05 30.43 9.64
C GLN A 210 -14.70 29.08 9.92
N LEU A 211 -14.01 27.99 9.58
CA LEU A 211 -14.52 26.65 9.80
C LEU A 211 -14.41 26.21 11.25
N ASP A 212 -13.48 26.78 12.01
CA ASP A 212 -13.31 26.44 13.42
C ASP A 212 -14.56 26.88 14.19
N PRO A 213 -15.30 25.95 14.81
CA PRO A 213 -16.51 26.35 15.55
C PRO A 213 -16.24 27.19 16.78
N ARG A 214 -15.01 27.19 17.30
CA ARG A 214 -14.68 27.92 18.51
C ARG A 214 -13.98 29.23 18.20
N ASN A 215 -13.87 29.58 16.92
CA ASN A 215 -13.16 30.77 16.45
C ASN A 215 -14.17 31.70 15.76
N SER A 216 -14.91 32.46 16.56
CA SER A 216 -15.81 33.48 16.06
C SER A 216 -15.16 34.86 16.10
N SER A 217 -13.85 34.89 15.84
CA SER A 217 -13.05 36.10 15.90
C SER A 217 -12.78 36.71 14.52
N VAL A 218 -12.17 35.95 13.63
CA VAL A 218 -11.86 36.46 12.29
C VAL A 218 -13.14 36.82 11.55
N GLN A 219 -13.27 38.09 11.19
CA GLN A 219 -14.45 38.57 10.48
C GLN A 219 -14.55 37.92 9.10
N GLU A 220 -15.76 37.47 8.76
CA GLU A 220 -15.99 36.79 7.50
C GLU A 220 -15.69 37.72 6.33
N SER A 221 -14.96 37.21 5.33
CA SER A 221 -14.62 37.97 4.14
C SER A 221 -15.23 37.30 2.91
N GLU A 222 -16.06 38.04 2.19
CA GLU A 222 -16.70 37.53 0.98
C GLU A 222 -15.68 37.16 -0.08
N GLN A 223 -14.74 38.07 -0.37
CA GLN A 223 -13.76 37.86 -1.44
C GLN A 223 -12.93 36.60 -1.23
N ARG A 224 -12.32 36.47 -0.05
CA ARG A 224 -11.44 35.32 0.19
C ARG A 224 -12.20 34.01 0.05
N ILE A 225 -13.42 33.95 0.60
CA ILE A 225 -14.22 32.72 0.51
C ILE A 225 -14.61 32.44 -0.92
N THR A 226 -14.89 33.48 -1.71
CA THR A 226 -15.30 33.26 -3.10
C THR A 226 -14.11 32.76 -3.92
N GLU A 227 -12.95 33.40 -3.77
CA GLU A 227 -11.75 32.93 -4.47
C GLU A 227 -11.44 31.48 -4.10
N PHE A 228 -11.57 31.15 -2.81
CA PHE A 228 -11.29 29.79 -2.35
C PHE A 228 -12.24 28.79 -3.01
N TYR A 229 -13.54 29.07 -2.95
CA TYR A 229 -14.53 28.22 -3.58
C TYR A 229 -14.26 28.03 -5.07
N THR A 230 -13.96 29.13 -5.77
CA THR A 230 -13.71 29.04 -7.21
C THR A 230 -12.49 28.19 -7.52
N SER A 231 -11.42 28.34 -6.74
CA SER A 231 -10.22 27.54 -6.96
C SER A 231 -10.48 26.06 -6.72
N VAL A 232 -11.18 25.75 -5.63
CA VAL A 232 -11.47 24.36 -5.30
C VAL A 232 -12.36 23.74 -6.36
N MET A 233 -13.39 24.48 -6.81
CA MET A 233 -14.28 23.92 -7.81
C MET A 233 -13.59 23.74 -9.15
N ARG A 234 -12.66 24.64 -9.50
CA ARG A 234 -11.93 24.52 -10.74
C ARG A 234 -11.08 23.26 -10.75
N ASP A 235 -10.28 23.07 -9.70
CA ASP A 235 -9.44 21.87 -9.65
C ASP A 235 -10.29 20.62 -9.55
N THR A 236 -11.40 20.68 -8.82
CA THR A 236 -12.28 19.52 -8.72
C THR A 236 -12.86 19.17 -10.08
N SER A 237 -13.27 20.18 -10.85
CA SER A 237 -13.83 19.93 -12.17
C SER A 237 -12.78 19.29 -13.08
N THR A 238 -11.53 19.74 -12.96
CA THR A 238 -10.50 19.16 -13.81
C THR A 238 -10.24 17.70 -13.46
N VAL A 239 -10.20 17.39 -12.16
CA VAL A 239 -10.01 16.01 -11.72
C VAL A 239 -11.17 15.15 -12.18
N ALA A 240 -12.39 15.61 -11.96
CA ALA A 240 -13.57 14.82 -12.32
C ALA A 240 -13.67 14.61 -13.83
N ASN A 241 -13.38 15.63 -14.63
CA ASN A 241 -13.46 15.45 -16.07
C ASN A 241 -12.36 14.51 -16.58
N GLN A 242 -11.16 14.58 -16.00
CA GLN A 242 -10.14 13.63 -16.43
C GLN A 242 -10.53 12.21 -16.04
N ALA A 243 -11.09 12.03 -14.83
CA ALA A 243 -11.52 10.70 -14.41
C ALA A 243 -12.65 10.20 -15.29
N VAL A 244 -13.51 11.11 -15.75
CA VAL A 244 -14.60 10.74 -16.67
C VAL A 244 -14.03 10.23 -17.97
N CYS A 245 -13.05 10.95 -18.53
CA CYS A 245 -12.49 10.52 -19.81
C CYS A 245 -11.67 9.25 -19.67
N GLU A 246 -11.08 9.01 -18.49
CA GLU A 246 -10.21 7.85 -18.32
C GLU A 246 -10.99 6.60 -17.99
N LEU A 247 -12.08 6.75 -17.22
CA LEU A 247 -12.86 5.60 -16.77
C LEU A 247 -13.47 4.84 -17.95
N THR A 248 -13.89 5.55 -18.99
CA THR A 248 -14.57 4.92 -20.12
C THR A 248 -13.61 4.40 -21.17
N GLY A 249 -12.30 4.51 -20.94
CA GLY A 249 -11.30 3.95 -21.82
C GLY A 249 -11.17 4.57 -23.19
N SER A 250 -11.86 5.68 -23.47
CA SER A 250 -11.77 6.31 -24.77
C SER A 250 -10.77 7.46 -24.69
N ALA A 251 -10.20 7.81 -25.84
CA ALA A 251 -9.24 8.91 -25.92
C ALA A 251 -8.10 8.69 -24.94
N GLU A 252 -7.45 7.52 -25.05
CA GLU A 252 -6.37 7.18 -24.13
C GLU A 252 -5.03 7.81 -24.53
N ALA A 253 -4.85 8.14 -25.81
CA ALA A 253 -3.58 8.73 -26.24
C ALA A 253 -3.47 10.14 -25.68
N ILE A 254 -4.46 10.99 -25.99
CA ILE A 254 -4.43 12.37 -25.52
C ILE A 254 -4.53 12.41 -24.00
N LEU A 255 -5.24 11.45 -23.40
CA LEU A 255 -5.31 11.44 -21.95
C LEU A 255 -3.97 11.08 -21.33
N GLU A 256 -3.24 10.14 -21.92
CA GLU A 256 -1.93 9.79 -21.37
C GLU A 256 -0.93 10.93 -21.54
N THR A 257 -0.97 11.60 -22.69
CA THR A 257 -0.08 12.73 -22.87
C THR A 257 -0.41 13.85 -21.89
N LEU A 258 -1.70 14.12 -21.69
CA LEU A 258 -1.93 15.21 -20.78
C LEU A 258 -1.64 14.76 -19.37
N SER A 259 -1.81 13.45 -19.09
CA SER A 259 -1.55 13.02 -17.74
C SER A 259 -0.08 13.25 -17.45
N SER A 260 0.75 13.21 -18.51
CA SER A 260 2.16 13.49 -18.30
C SER A 260 2.37 14.97 -18.10
N PHE A 261 1.39 15.78 -18.50
CA PHE A 261 1.52 17.24 -18.43
C PHE A 261 0.44 17.89 -17.56
N LEU A 262 -0.38 17.09 -16.89
CA LEU A 262 -1.48 17.54 -16.03
C LEU A 262 -1.15 17.15 -14.60
N GLU A 263 -1.34 18.08 -13.67
CA GLU A 263 -1.24 17.81 -12.24
C GLU A 263 -2.64 17.84 -11.64
N LEU A 264 -3.14 16.63 -11.36
CA LEU A 264 -4.47 16.37 -10.85
C LEU A 264 -4.36 15.76 -9.46
N SER A 265 -5.25 16.17 -8.55
CA SER A 265 -5.19 15.65 -7.20
C SER A 265 -5.36 14.14 -7.20
N PRO A 266 -4.53 13.40 -6.45
CA PRO A 266 -4.66 11.94 -6.38
C PRO A 266 -5.74 11.44 -5.44
N TYR A 267 -6.26 12.29 -4.56
CA TYR A 267 -7.14 11.83 -3.50
C TYR A 267 -8.49 11.41 -4.06
N ARG A 268 -9.01 10.30 -3.55
CA ARG A 268 -10.25 9.71 -4.02
C ARG A 268 -11.09 9.31 -2.82
N PRO A 269 -12.42 9.26 -2.98
CA PRO A 269 -13.27 8.73 -1.91
C PRO A 269 -12.90 7.30 -1.54
N ALA A 270 -12.78 7.06 -0.24
CA ALA A 270 -12.53 5.72 0.29
C ALA A 270 -13.61 5.37 1.29
N GLY A 271 -14.34 4.29 1.03
CA GLY A 271 -15.43 3.86 1.88
C GLY A 271 -16.79 4.38 1.44
N THR A 272 -17.81 3.99 2.20
CA THR A 272 -19.16 4.45 1.92
C THR A 272 -19.29 5.94 2.26
N PHE A 273 -19.93 6.68 1.36
CA PHE A 273 -20.26 8.08 1.60
C PHE A 273 -21.77 8.24 1.71
N VAL A 274 -22.23 9.02 2.69
CA VAL A 274 -23.65 9.30 2.85
C VAL A 274 -23.86 10.80 2.67
N PHE A 275 -24.48 11.17 1.56
CA PHE A 275 -24.80 12.56 1.28
C PHE A 275 -26.14 12.92 1.91
N SER A 276 -26.24 14.13 2.45
CA SER A 276 -27.42 14.55 3.19
C SER A 276 -27.97 15.86 2.66
N THR A 277 -29.30 15.91 2.52
CA THR A 277 -30.01 17.14 2.22
C THR A 277 -31.10 17.34 3.27
N GLU A 278 -31.98 18.32 3.06
CA GLU A 278 -33.05 18.54 4.02
C GLU A 278 -34.00 17.35 4.07
N LYS A 279 -34.18 16.63 2.96
CA LYS A 279 -35.17 15.58 2.87
C LYS A 279 -34.64 14.19 2.51
N ARG A 280 -33.34 14.05 2.21
CA ARG A 280 -32.84 12.77 1.71
C ARG A 280 -31.49 12.42 2.33
N LEU A 281 -31.28 11.11 2.49
CA LEU A 281 -29.97 10.54 2.78
C LEU A 281 -29.66 9.55 1.65
N VAL A 282 -28.56 9.77 0.95
CA VAL A 282 -28.17 8.95 -0.19
C VAL A 282 -26.82 8.30 0.07
N ALA A 283 -26.82 6.98 0.24
CA ALA A 283 -25.60 6.22 0.49
C ALA A 283 -25.01 5.76 -0.85
N VAL A 284 -23.70 5.96 -1.03
CA VAL A 284 -23.01 5.55 -2.24
C VAL A 284 -21.73 4.82 -1.86
N ASN A 285 -21.49 3.68 -2.52
CA ASN A 285 -20.30 2.86 -2.31
C ASN A 285 -19.22 3.09 -3.36
N ASN A 286 -19.60 3.21 -4.64
CA ASN A 286 -18.64 3.33 -5.73
C ASN A 286 -17.82 4.61 -5.61
N SER A 287 -16.50 4.45 -5.42
CA SER A 287 -15.63 5.59 -5.22
C SER A 287 -15.67 6.56 -6.38
N ASP A 288 -15.69 6.05 -7.62
CA ASP A 288 -15.77 6.93 -8.79
C ASP A 288 -17.05 7.73 -8.78
N ALA A 289 -18.17 7.08 -8.47
CA ALA A 289 -19.46 7.79 -8.43
C ALA A 289 -19.44 8.87 -7.36
N ILE A 290 -18.84 8.57 -6.21
CA ILE A 290 -18.78 9.57 -5.14
C ILE A 290 -17.90 10.73 -5.59
N LEU A 291 -16.81 10.43 -6.28
CA LEU A 291 -15.92 11.49 -6.80
C LEU A 291 -16.70 12.43 -7.70
N GLN A 292 -17.49 11.87 -8.62
CA GLN A 292 -18.31 12.69 -9.50
C GLN A 292 -19.35 13.49 -8.73
N MET A 293 -19.99 12.85 -7.75
CA MET A 293 -21.03 13.53 -6.98
C MET A 293 -20.46 14.68 -6.14
N LEU A 294 -19.21 14.56 -5.70
CA LEU A 294 -18.61 15.64 -4.92
C LEU A 294 -18.53 16.92 -5.75
N PHE A 295 -18.47 16.80 -7.07
CA PHE A 295 -18.50 17.95 -7.96
C PHE A 295 -19.93 18.36 -8.33
N TYR A 296 -20.73 17.40 -8.80
CA TYR A 296 -22.00 17.75 -9.42
C TYR A 296 -23.12 18.03 -8.41
N THR A 297 -22.91 17.76 -7.13
CA THR A 297 -23.94 18.05 -6.13
C THR A 297 -23.78 19.46 -5.56
N CYS A 298 -22.64 20.11 -5.77
CA CYS A 298 -22.32 21.39 -5.18
C CYS A 298 -22.39 22.52 -6.21
N GLN A 299 -23.35 22.44 -7.12
CA GLN A 299 -23.55 23.50 -8.10
C GLN A 299 -24.83 24.27 -7.78
N ALA A 300 -24.99 25.41 -8.42
CA ALA A 300 -26.16 26.23 -8.24
C ALA A 300 -27.32 25.75 -9.11
N SER A 301 -28.53 25.89 -8.60
CA SER A 301 -29.73 25.56 -9.38
C SER A 301 -30.00 26.68 -10.39
N ASP A 302 -30.37 27.85 -9.90
CA ASP A 302 -30.49 29.05 -10.72
C ASP A 302 -29.12 29.71 -10.91
N GLU A 303 -29.08 30.69 -11.80
CA GLU A 303 -27.89 31.52 -11.93
C GLU A 303 -27.84 32.66 -10.92
N GLN A 304 -28.84 32.77 -10.05
CA GLN A 304 -28.86 33.80 -9.02
C GLN A 304 -28.22 33.33 -7.73
N GLU A 305 -28.07 32.01 -7.56
CA GLU A 305 -27.55 31.42 -6.35
C GLU A 305 -26.04 31.25 -6.37
N TRP A 306 -25.40 31.48 -7.53
CA TRP A 306 -23.96 31.24 -7.65
C TRP A 306 -23.18 32.03 -6.60
N SER A 307 -23.66 33.22 -6.25
CA SER A 307 -23.01 34.05 -5.24
C SER A 307 -23.26 33.53 -3.83
N LEU A 308 -24.32 32.74 -3.66
CA LEU A 308 -24.75 32.24 -2.37
C LEU A 308 -24.12 30.91 -1.98
N ILE A 309 -23.84 30.05 -2.94
CA ILE A 309 -23.32 28.70 -2.68
C ILE A 309 -22.07 28.70 -1.80
N PRO A 310 -21.08 29.57 -1.99
CA PRO A 310 -19.89 29.48 -1.11
C PRO A 310 -20.21 29.67 0.36
N PHE A 311 -21.16 30.54 0.68
CA PHE A 311 -21.49 30.76 2.08
C PHE A 311 -22.28 29.59 2.64
N ARG A 312 -23.12 28.96 1.82
CA ARG A 312 -23.83 27.79 2.32
C ARG A 312 -22.86 26.63 2.47
N SER A 313 -21.81 26.61 1.63
CA SER A 313 -20.79 25.58 1.68
C SER A 313 -19.93 25.74 2.93
N ILE A 314 -19.88 26.94 3.49
CA ILE A 314 -19.18 27.13 4.75
C ILE A 314 -20.10 26.76 5.91
N ARG A 315 -21.33 27.31 5.91
CA ARG A 315 -22.27 27.09 7.00
C ARG A 315 -22.64 25.61 7.16
N ASP A 316 -22.68 24.87 6.06
CA ASP A 316 -23.08 23.45 6.09
C ASP A 316 -22.09 22.58 6.86
N HIS A 317 -20.85 23.04 7.06
CA HIS A 317 -19.90 22.26 7.84
C HIS A 317 -20.24 22.24 9.33
N HIS A 318 -21.08 23.17 9.79
CA HIS A 318 -21.52 23.26 11.17
C HIS A 318 -22.97 22.83 11.34
N SER A 319 -23.51 22.10 10.34
CA SER A 319 -24.91 21.71 10.30
C SER A 319 -25.09 20.21 10.55
N TYR A 320 -24.10 19.54 11.15
CA TYR A 320 -24.19 18.11 11.39
C TYR A 320 -25.02 17.79 12.63
N GLU A 321 -25.17 18.74 13.55
CA GLU A 321 -26.11 18.56 14.65
C GLU A 321 -27.53 18.37 14.12
N GLU A 322 -27.93 19.23 13.18
CA GLU A 322 -29.26 19.09 12.58
C GLU A 322 -29.38 17.77 11.83
N LEU A 323 -28.32 17.38 11.14
CA LEU A 323 -28.32 16.10 10.44
C LEU A 323 -28.60 14.96 11.41
N VAL A 324 -27.84 14.90 12.51
CA VAL A 324 -27.96 13.81 13.46
C VAL A 324 -29.33 13.83 14.14
N GLN A 325 -29.87 15.04 14.39
CA GLN A 325 -31.16 15.13 15.07
C GLN A 325 -32.30 14.73 14.16
N SER A 326 -32.15 14.90 12.84
CA SER A 326 -33.22 14.64 11.89
C SER A 326 -32.95 13.39 11.06
N MET A 327 -32.07 12.52 11.55
CA MET A 327 -31.70 11.31 10.80
C MET A 327 -32.94 10.48 10.46
N GLY A 328 -33.71 10.12 11.47
CA GLY A 328 -34.86 9.25 11.29
C GLY A 328 -36.01 9.86 10.51
N MET A 329 -36.00 11.18 10.32
CA MET A 329 -37.07 11.87 9.61
C MET A 329 -36.79 12.07 8.14
N LYS A 330 -35.64 11.59 7.64
CA LYS A 330 -35.26 11.78 6.25
C LYS A 330 -35.42 10.49 5.46
N LEU A 331 -35.71 10.64 4.17
CA LEU A 331 -35.83 9.51 3.26
C LEU A 331 -34.45 8.98 2.88
N PHE A 332 -34.27 7.67 3.00
CA PHE A 332 -33.00 7.02 2.68
C PHE A 332 -33.18 6.18 1.42
N ASN A 333 -32.14 6.14 0.60
CA ASN A 333 -32.09 5.21 -0.52
C ASN A 333 -30.64 4.87 -0.82
N HIS A 334 -30.43 3.66 -1.35
CA HIS A 334 -29.11 3.19 -1.75
C HIS A 334 -28.97 3.35 -3.25
N LEU A 335 -28.13 4.31 -3.66
CA LEU A 335 -28.04 4.69 -5.07
C LEU A 335 -27.64 3.51 -5.95
N ASP A 336 -26.67 2.72 -5.49
CA ASP A 336 -26.17 1.62 -6.31
C ASP A 336 -27.24 0.57 -6.55
N GLY A 337 -28.16 0.38 -5.61
CA GLY A 337 -29.19 -0.63 -5.72
C GLY A 337 -30.49 -0.15 -6.32
N GLU A 338 -30.59 1.16 -6.57
CA GLU A 338 -31.80 1.74 -7.13
C GLU A 338 -32.05 1.24 -8.54
N ASN A 339 -33.31 1.03 -8.88
CA ASN A 339 -33.67 0.73 -10.25
C ASN A 339 -33.69 2.00 -11.08
N SER A 340 -33.93 3.15 -10.45
CA SER A 340 -33.90 4.44 -11.11
C SER A 340 -33.27 5.45 -10.16
N ILE A 341 -32.22 6.12 -10.62
CA ILE A 341 -31.46 7.04 -9.78
C ILE A 341 -31.80 8.49 -10.07
N GLU A 342 -32.78 8.75 -10.94
CA GLU A 342 -33.08 10.11 -11.36
C GLU A 342 -33.59 10.95 -10.19
N SER A 343 -34.52 10.38 -9.40
CA SER A 343 -35.12 11.12 -8.29
C SER A 343 -34.07 11.52 -7.25
N SER A 344 -33.22 10.56 -6.86
CA SER A 344 -32.20 10.83 -5.85
C SER A 344 -31.28 11.96 -6.29
N LEU A 345 -30.75 11.86 -7.51
CA LEU A 345 -29.78 12.87 -7.95
C LEU A 345 -30.47 14.20 -8.24
N ASN A 346 -31.75 14.16 -8.60
CA ASN A 346 -32.53 15.38 -8.80
C ASN A 346 -32.70 16.13 -7.50
N ASP A 347 -32.94 15.41 -6.40
CA ASP A 347 -33.06 16.07 -5.10
C ASP A 347 -31.72 16.58 -4.61
N LEU A 348 -30.61 16.00 -5.07
CA LEU A 348 -29.26 16.44 -4.75
C LEU A 348 -28.78 17.53 -5.69
N GLY A 349 -29.64 18.02 -6.58
CA GLY A 349 -29.28 19.09 -7.47
C GLY A 349 -28.29 18.68 -8.53
N VAL A 350 -28.14 17.38 -8.77
CA VAL A 350 -27.22 16.88 -9.77
C VAL A 350 -27.78 17.14 -11.17
N SER A 351 -26.97 17.79 -12.01
CA SER A 351 -27.39 18.08 -13.36
C SER A 351 -27.57 16.77 -14.15
N THR A 352 -28.14 16.89 -15.35
CA THR A 352 -28.34 15.73 -16.20
C THR A 352 -27.01 15.08 -16.55
N ARG A 353 -26.01 15.89 -16.87
CA ARG A 353 -24.70 15.37 -17.24
C ARG A 353 -24.02 14.70 -16.05
N GLY A 354 -24.16 15.28 -14.86
CA GLY A 354 -23.58 14.63 -13.69
C GLY A 354 -24.26 13.30 -13.42
N ARG A 355 -25.57 13.24 -13.68
CA ARG A 355 -26.29 11.99 -13.49
C ARG A 355 -25.81 10.94 -14.48
N GLN A 356 -25.50 11.37 -15.72
CA GLN A 356 -25.03 10.40 -16.70
C GLN A 356 -23.63 9.93 -16.38
N TYR A 357 -22.81 10.79 -15.77
CA TYR A 357 -21.48 10.37 -15.35
C TYR A 357 -21.56 9.37 -14.19
N VAL A 358 -22.47 9.62 -13.23
CA VAL A 358 -22.65 8.67 -12.14
C VAL A 358 -23.14 7.34 -12.69
N GLN A 359 -24.11 7.39 -13.59
CA GLN A 359 -24.64 6.15 -14.18
C GLN A 359 -23.53 5.40 -14.90
N ALA A 360 -22.66 6.13 -15.62
CA ALA A 360 -21.56 5.49 -16.33
C ALA A 360 -20.59 4.82 -15.37
N ALA A 361 -20.31 5.46 -14.24
CA ALA A 361 -19.42 4.86 -13.23
C ALA A 361 -20.04 3.59 -12.67
N LEU A 362 -21.35 3.60 -12.44
CA LEU A 362 -22.01 2.42 -11.92
C LEU A 362 -22.03 1.31 -12.98
N GLU A 363 -22.22 1.69 -14.25
CA GLU A 363 -22.21 0.69 -15.29
C GLU A 363 -20.82 0.09 -15.43
N GLU A 364 -19.78 0.89 -15.23
CA GLU A 364 -18.42 0.36 -15.33
C GLU A 364 -18.16 -0.64 -14.22
N GLU A 365 -18.69 -0.37 -13.02
CA GLU A 365 -18.54 -1.33 -11.94
C GLU A 365 -19.32 -2.62 -12.22
N LYS A 366 -20.50 -2.48 -12.83
CA LYS A 366 -21.26 -3.67 -13.20
C LYS A 366 -20.53 -4.45 -14.29
N LYS A 367 -19.82 -3.76 -15.18
CA LYS A 367 -19.01 -4.45 -16.17
C LYS A 367 -17.91 -5.25 -15.49
N ARG A 368 -17.24 -4.65 -14.50
CA ARG A 368 -16.17 -5.36 -13.81
C ARG A 368 -16.72 -6.60 -13.12
N VAL A 369 -17.91 -6.48 -12.52
CA VAL A 369 -18.57 -7.62 -11.87
C VAL A 369 -18.90 -8.70 -12.89
N GLU A 370 -19.43 -8.30 -14.05
CA GLU A 370 -19.74 -9.29 -15.09
C GLU A 370 -18.47 -10.00 -15.55
N ASN A 371 -17.40 -9.25 -15.75
CA ASN A 371 -16.14 -9.85 -16.15
C ASN A 371 -15.68 -10.88 -15.12
N GLN A 372 -15.85 -10.57 -13.83
CA GLN A 372 -15.46 -11.52 -12.80
C GLN A 372 -16.35 -12.77 -12.84
N LYS A 373 -17.65 -12.59 -13.09
CA LYS A 373 -18.54 -13.74 -13.20
C LYS A 373 -18.13 -14.63 -14.37
N LYS A 374 -17.72 -14.00 -15.47
CA LYS A 374 -17.26 -14.76 -16.64
C LYS A 374 -15.97 -15.51 -16.30
N ILE A 375 -15.08 -14.88 -15.54
CA ILE A 375 -13.84 -15.55 -15.18
C ILE A 375 -14.13 -16.76 -14.30
N ILE A 376 -15.05 -16.62 -13.35
CA ILE A 376 -15.39 -17.76 -12.49
C ILE A 376 -15.99 -18.90 -13.33
N GLN A 377 -16.86 -18.55 -14.29
CA GLN A 377 -17.45 -19.58 -15.15
C GLN A 377 -16.37 -20.27 -15.97
N VAL A 378 -15.37 -19.51 -16.41
CA VAL A 378 -14.29 -20.08 -17.21
C VAL A 378 -13.48 -21.04 -16.37
N ILE A 379 -13.04 -20.60 -15.19
CA ILE A 379 -12.14 -21.40 -14.39
C ILE A 379 -12.87 -22.55 -13.73
N GLN A 380 -14.20 -22.61 -13.87
CA GLN A 380 -14.97 -23.72 -13.35
C GLN A 380 -15.40 -24.69 -14.44
N GLN A 381 -15.18 -24.34 -15.72
CA GLN A 381 -15.50 -25.23 -16.83
C GLN A 381 -14.63 -26.48 -16.79
N GLU A 382 -15.20 -27.59 -17.26
CA GLU A 382 -14.48 -28.86 -17.27
C GLU A 382 -13.26 -28.85 -18.19
N ARG A 383 -13.36 -28.28 -19.40
CA ARG A 383 -12.22 -28.32 -20.31
C ARG A 383 -11.00 -27.59 -19.75
N PHE A 384 -11.23 -26.60 -18.88
CA PHE A 384 -10.11 -25.88 -18.32
C PHE A 384 -9.48 -26.70 -17.20
N LEU A 385 -10.28 -27.21 -16.27
CA LEU A 385 -9.66 -27.95 -15.20
C LEU A 385 -9.02 -29.21 -15.77
N LYS A 386 -9.62 -29.77 -16.83
CA LYS A 386 -9.07 -30.96 -17.48
C LYS A 386 -7.68 -30.70 -18.05
N LYS A 387 -7.41 -29.47 -18.53
CA LYS A 387 -6.07 -29.22 -19.06
C LYS A 387 -5.01 -29.36 -17.97
N LEU A 388 -5.28 -28.80 -16.79
CA LEU A 388 -4.36 -28.92 -15.66
C LEU A 388 -4.33 -30.35 -15.15
N ALA A 389 -5.47 -31.03 -15.13
CA ALA A 389 -5.48 -32.40 -14.66
C ALA A 389 -4.63 -33.26 -15.58
N TRP A 390 -4.69 -33.01 -16.89
CA TRP A 390 -3.90 -33.78 -17.84
C TRP A 390 -2.42 -33.53 -17.61
N ILE A 391 -2.03 -32.27 -17.41
CA ILE A 391 -0.63 -31.96 -17.12
C ILE A 391 -0.17 -32.65 -15.84
N GLU A 392 -1.01 -32.67 -14.81
CA GLU A 392 -0.64 -33.17 -13.49
C GLU A 392 -0.62 -34.69 -13.40
N ASP A 393 -1.63 -35.35 -13.98
CA ASP A 393 -1.86 -36.78 -13.78
C ASP A 393 -1.33 -37.66 -14.90
N GLU A 394 -1.07 -37.12 -16.08
CA GLU A 394 -0.61 -37.93 -17.20
C GLU A 394 0.79 -37.55 -17.64
N TYR A 395 1.05 -36.26 -17.86
CA TYR A 395 2.34 -35.85 -18.40
C TYR A 395 3.44 -36.02 -17.35
N LYS A 396 3.21 -35.50 -16.15
CA LYS A 396 4.20 -35.59 -15.08
C LYS A 396 4.52 -37.03 -14.68
N PRO A 397 3.56 -37.94 -14.46
CA PRO A 397 3.94 -39.31 -14.11
C PRO A 397 4.69 -40.02 -15.22
N LYS A 398 4.30 -39.79 -16.47
CA LYS A 398 4.98 -40.42 -17.59
C LYS A 398 6.42 -39.93 -17.68
N CYS A 399 6.64 -38.64 -17.42
CA CYS A 399 8.00 -38.10 -17.46
C CYS A 399 8.82 -38.58 -16.27
N GLN A 400 8.16 -38.78 -15.12
CA GLN A 400 8.83 -39.35 -13.95
C GLN A 400 9.24 -40.79 -14.20
N ALA A 401 8.43 -41.54 -14.95
CA ALA A 401 8.76 -42.94 -15.24
C ALA A 401 9.99 -43.05 -16.13
N HIS A 402 10.27 -42.03 -16.94
CA HIS A 402 11.45 -42.01 -17.78
C HIS A 402 12.70 -41.53 -17.05
N LYS A 403 12.57 -41.11 -15.80
CA LYS A 403 13.68 -40.80 -14.90
C LYS A 403 14.44 -39.53 -15.30
N ASN A 404 13.83 -38.66 -16.10
CA ASN A 404 14.44 -37.39 -16.44
C ASN A 404 13.61 -36.20 -16.00
N GLY A 405 12.32 -36.39 -15.77
CA GLY A 405 11.44 -35.35 -15.30
C GLY A 405 10.78 -34.56 -16.42
N TYR A 406 9.70 -33.88 -16.07
CA TYR A 406 8.89 -33.20 -17.08
C TYR A 406 9.48 -31.85 -17.46
N TYR A 407 10.36 -31.31 -16.63
CA TYR A 407 11.10 -30.11 -17.01
C TYR A 407 12.06 -30.43 -18.14
N ASP A 408 12.91 -31.44 -17.93
CA ASP A 408 13.89 -31.81 -18.95
C ASP A 408 13.19 -32.37 -20.18
N SER A 409 12.09 -33.10 -19.98
CA SER A 409 11.36 -33.65 -21.12
C SER A 409 10.78 -32.52 -21.97
N PHE A 410 10.20 -31.50 -21.34
CA PHE A 410 9.71 -30.36 -22.11
C PHE A 410 10.87 -29.65 -22.80
N LYS A 411 11.99 -29.49 -22.08
CA LYS A 411 13.11 -28.72 -22.59
C LYS A 411 13.70 -29.35 -23.83
N VAL A 412 13.85 -30.68 -23.84
CA VAL A 412 14.38 -31.33 -25.04
C VAL A 412 13.28 -31.56 -26.05
N SER A 413 12.05 -31.78 -25.60
CA SER A 413 10.85 -31.93 -26.44
C SER A 413 11.07 -32.91 -27.58
N ASN A 414 11.35 -34.17 -27.20
CA ASN A 414 11.63 -35.19 -28.19
C ASN A 414 10.39 -35.93 -28.66
N GLU A 415 9.29 -35.85 -27.91
CA GLU A 415 8.09 -36.62 -28.20
C GLU A 415 6.90 -35.70 -28.47
N GLU A 416 5.85 -36.28 -29.06
CA GLU A 416 4.63 -35.55 -29.35
C GLU A 416 3.97 -35.01 -28.08
N ASN A 417 4.08 -35.76 -26.98
CA ASN A 417 3.48 -35.33 -25.72
C ASN A 417 4.07 -34.01 -25.24
N ASP A 418 5.33 -33.75 -25.57
CA ASP A 418 5.93 -32.49 -25.18
C ASP A 418 5.34 -31.33 -25.97
N PHE A 419 5.04 -31.56 -27.25
CA PHE A 419 4.38 -30.50 -28.02
C PHE A 419 2.93 -30.32 -27.59
N LYS A 420 2.27 -31.39 -27.13
CA LYS A 420 0.91 -31.23 -26.63
C LYS A 420 0.92 -30.45 -25.32
N ALA A 421 1.93 -30.69 -24.48
CA ALA A 421 2.06 -29.94 -23.25
C ALA A 421 2.35 -28.49 -23.57
N ASN A 422 3.15 -28.25 -24.62
CA ASN A 422 3.46 -26.88 -25.03
C ASN A 422 2.21 -26.16 -25.51
N VAL A 423 1.36 -26.88 -26.25
CA VAL A 423 0.10 -26.30 -26.72
C VAL A 423 -0.78 -25.89 -25.54
N LYS A 424 -0.93 -26.79 -24.57
CA LYS A 424 -1.78 -26.45 -23.42
C LYS A 424 -1.13 -25.36 -22.57
N ARG A 425 0.20 -25.31 -22.54
CA ARG A 425 0.92 -24.23 -21.86
C ARG A 425 0.65 -22.90 -22.52
N ALA A 426 0.62 -22.87 -23.86
CA ALA A 426 0.37 -21.63 -24.57
C ALA A 426 -1.06 -21.17 -24.36
N GLU A 427 -2.01 -22.11 -24.37
CA GLU A 427 -3.40 -21.70 -24.18
C GLU A 427 -3.61 -21.15 -22.77
N LEU A 428 -3.02 -21.80 -21.76
CA LEU A 428 -3.13 -21.28 -20.41
C LEU A 428 -2.43 -19.93 -20.28
N ALA A 429 -1.28 -19.78 -20.95
CA ALA A 429 -0.58 -18.50 -20.91
C ALA A 429 -1.45 -17.40 -21.49
N GLY A 430 -2.15 -17.70 -22.58
CA GLY A 430 -3.02 -16.71 -23.19
C GLY A 430 -4.15 -16.30 -22.28
N VAL A 431 -4.72 -17.27 -21.57
CA VAL A 431 -5.85 -16.96 -20.69
C VAL A 431 -5.40 -16.16 -19.47
N PHE A 432 -4.25 -16.52 -18.90
CA PHE A 432 -3.81 -15.78 -17.72
C PHE A 432 -3.21 -14.42 -18.09
N ASP A 433 -2.65 -14.29 -19.29
CA ASP A 433 -2.22 -12.98 -19.74
C ASP A 433 -3.42 -12.08 -19.99
N GLU A 434 -4.52 -12.66 -20.49
CA GLU A 434 -5.71 -11.88 -20.76
C GLU A 434 -6.33 -11.39 -19.45
N VAL A 435 -6.34 -12.27 -18.44
CA VAL A 435 -6.81 -11.87 -17.11
C VAL A 435 -5.90 -10.77 -16.55
N LEU A 436 -4.59 -10.95 -16.68
CA LEU A 436 -3.66 -9.92 -16.21
C LEU A 436 -3.93 -8.60 -16.90
N GLY A 437 -4.24 -8.65 -18.21
CA GLY A 437 -4.55 -7.45 -18.95
C GLY A 437 -5.77 -6.75 -18.38
N LEU A 438 -6.80 -7.53 -18.02
CA LEU A 438 -7.99 -6.93 -17.42
C LEU A 438 -7.65 -6.30 -16.07
N LEU A 439 -6.82 -6.98 -15.28
CA LEU A 439 -6.41 -6.43 -13.98
C LEU A 439 -5.66 -5.12 -14.15
N LYS A 440 -4.71 -5.07 -15.08
CA LYS A 440 -3.92 -3.87 -15.32
C LYS A 440 -4.79 -2.67 -15.70
N LYS A 441 -5.91 -2.89 -16.40
CA LYS A 441 -6.77 -1.80 -16.83
C LYS A 441 -7.87 -1.50 -15.83
N CYS A 442 -7.80 -2.07 -14.63
CA CYS A 442 -8.78 -1.88 -13.57
C CYS A 442 -10.20 -2.19 -14.08
N GLN A 443 -10.33 -3.32 -14.78
CA GLN A 443 -11.60 -3.73 -15.33
C GLN A 443 -12.15 -4.97 -14.64
N LEU A 444 -11.65 -5.26 -13.45
CA LEU A 444 -12.15 -6.29 -12.57
C LEU A 444 -12.44 -5.67 -11.21
N PRO A 445 -13.34 -6.27 -10.42
CA PRO A 445 -13.64 -5.70 -9.10
C PRO A 445 -12.41 -5.65 -8.21
N ASP A 446 -12.41 -4.69 -7.29
CA ASP A 446 -11.29 -4.52 -6.38
C ASP A 446 -10.96 -5.80 -5.63
N GLU A 447 -11.98 -6.62 -5.35
CA GLU A 447 -11.82 -7.84 -4.56
C GLU A 447 -11.13 -8.96 -5.32
N PHE A 448 -10.92 -8.79 -6.63
CA PHE A 448 -10.48 -9.91 -7.47
C PHE A 448 -9.20 -10.56 -6.94
N GLU A 449 -8.18 -9.74 -6.66
CA GLU A 449 -6.90 -10.28 -6.22
C GLU A 449 -6.96 -10.89 -4.83
N GLY A 450 -8.07 -10.74 -4.12
CA GLY A 450 -8.24 -11.31 -2.79
C GLY A 450 -9.11 -12.55 -2.77
N ASP A 451 -9.73 -12.86 -3.91
CA ASP A 451 -10.60 -14.03 -4.02
C ASP A 451 -9.79 -15.31 -3.84
N ILE A 452 -10.13 -16.09 -2.81
CA ILE A 452 -9.31 -17.24 -2.44
C ILE A 452 -9.39 -18.33 -3.51
N ASP A 453 -10.50 -18.42 -4.24
CA ASP A 453 -10.58 -19.40 -5.32
C ASP A 453 -9.61 -19.04 -6.44
N TRP A 454 -9.53 -17.76 -6.78
CA TRP A 454 -8.58 -17.32 -7.79
C TRP A 454 -7.14 -17.52 -7.33
N ILE A 455 -6.85 -17.17 -6.07
CA ILE A 455 -5.49 -17.35 -5.57
C ILE A 455 -5.11 -18.82 -5.61
N LYS A 456 -6.03 -19.69 -5.19
CA LYS A 456 -5.80 -21.14 -5.25
C LYS A 456 -5.48 -21.61 -6.67
N LEU A 457 -6.34 -21.23 -7.62
CA LEU A 457 -6.15 -21.68 -9.00
C LEU A 457 -4.85 -21.12 -9.58
N ALA A 458 -4.61 -19.82 -9.42
CA ALA A 458 -3.41 -19.21 -9.96
C ALA A 458 -2.15 -19.81 -9.35
N THR A 459 -2.21 -20.20 -8.08
CA THR A 459 -1.05 -20.83 -7.45
C THR A 459 -0.82 -22.23 -8.01
N ARG A 460 -1.90 -23.00 -8.18
CA ARG A 460 -1.77 -24.32 -8.80
C ARG A 460 -1.22 -24.21 -10.22
N TYR A 461 -1.67 -23.19 -10.95
CA TYR A 461 -1.20 -22.96 -12.31
C TYR A 461 0.28 -22.60 -12.32
N ARG A 462 0.67 -21.69 -11.43
CA ARG A 462 2.07 -21.25 -11.40
C ARG A 462 2.98 -22.41 -11.05
N ARG A 463 2.61 -23.19 -10.03
CA ARG A 463 3.44 -24.32 -9.60
C ARG A 463 3.53 -25.38 -10.68
N LEU A 464 2.45 -25.60 -11.43
CA LEU A 464 2.46 -26.64 -12.43
C LEU A 464 3.20 -26.20 -13.70
N VAL A 465 2.96 -24.99 -14.16
CA VAL A 465 3.33 -24.61 -15.52
C VAL A 465 4.51 -23.64 -15.61
N GLU A 466 4.80 -22.84 -14.58
CA GLU A 466 5.97 -21.97 -14.67
C GLU A 466 7.27 -22.73 -14.93
N PRO A 467 7.52 -23.91 -14.35
CA PRO A 467 8.70 -24.69 -14.79
C PRO A 467 8.70 -24.93 -16.29
N LEU A 468 7.51 -25.13 -16.88
CA LEU A 468 7.44 -25.39 -18.31
C LEU A 468 7.72 -24.12 -19.11
N ASP A 469 7.31 -22.96 -18.61
CA ASP A 469 7.63 -21.72 -19.31
C ASP A 469 9.10 -21.38 -19.17
N ILE A 470 9.73 -21.79 -18.07
CA ILE A 470 11.17 -21.62 -17.93
C ILE A 470 11.89 -22.54 -18.91
N ALA A 471 11.41 -23.76 -19.05
CA ALA A 471 12.01 -24.69 -20.01
C ALA A 471 11.87 -24.13 -21.41
N ASN A 472 10.67 -23.66 -21.78
CA ASN A 472 10.47 -23.05 -23.09
C ASN A 472 11.42 -21.88 -23.31
N TYR A 473 11.60 -21.05 -22.28
CA TYR A 473 12.50 -19.91 -22.35
C TYR A 473 13.93 -20.32 -22.68
N HIS A 474 14.47 -21.30 -21.94
CA HIS A 474 15.85 -21.70 -22.15
C HIS A 474 16.02 -22.60 -23.38
N ARG A 475 14.97 -23.31 -23.78
CA ARG A 475 15.00 -24.14 -24.98
C ARG A 475 15.29 -23.31 -26.22
N HIS A 476 14.75 -22.09 -26.29
CA HIS A 476 14.93 -21.21 -27.42
C HIS A 476 16.08 -20.22 -27.20
N LEU A 477 16.98 -20.53 -26.26
CA LEU A 477 18.19 -19.76 -26.02
C LEU A 477 17.91 -18.28 -25.76
N LYS A 478 16.78 -18.01 -25.12
CA LYS A 478 16.42 -16.63 -24.80
C LYS A 478 17.28 -16.06 -23.67
N ASN A 479 17.98 -16.93 -22.94
CA ASN A 479 18.87 -16.46 -21.88
C ASN A 479 20.10 -15.78 -22.45
N GLU A 480 20.50 -16.15 -23.66
CA GLU A 480 21.64 -15.53 -24.32
C GLU A 480 21.25 -14.29 -25.11
N ASP A 481 20.06 -14.31 -25.70
CA ASP A 481 19.59 -13.17 -26.49
C ASP A 481 19.08 -12.05 -25.59
N THR A 482 18.07 -12.36 -24.76
CA THR A 482 17.44 -11.37 -23.91
C THR A 482 18.19 -11.19 -22.59
N GLY A 483 18.51 -12.29 -21.92
CA GLY A 483 19.18 -12.23 -20.64
C GLY A 483 18.60 -13.20 -19.62
N PRO A 484 19.05 -13.07 -18.37
CA PRO A 484 18.53 -13.93 -17.30
C PRO A 484 17.01 -13.90 -17.21
N TYR A 485 16.43 -15.08 -17.00
CA TYR A 485 14.97 -15.22 -16.91
C TYR A 485 14.40 -14.31 -15.83
N MET A 486 15.03 -14.31 -14.65
CA MET A 486 14.53 -13.52 -13.53
C MET A 486 14.57 -12.02 -13.82
N LYS A 487 15.47 -11.58 -14.70
CA LYS A 487 15.64 -10.17 -14.96
C LYS A 487 14.74 -9.65 -16.08
N ARG A 488 14.76 -10.29 -17.24
CA ARG A 488 14.06 -9.77 -18.42
C ARG A 488 13.09 -10.74 -19.06
N GLY A 489 12.92 -11.95 -18.51
CA GLY A 489 12.15 -12.97 -19.18
C GLY A 489 10.89 -13.45 -18.48
N ARG A 490 10.79 -13.23 -17.18
CA ARG A 490 9.69 -13.80 -16.41
C ARG A 490 8.34 -13.18 -16.76
N PRO A 491 7.37 -13.96 -17.22
CA PRO A 491 6.03 -13.43 -17.51
C PRO A 491 5.40 -12.78 -16.30
N THR A 492 4.82 -11.60 -16.51
CA THR A 492 4.24 -10.82 -15.40
C THR A 492 3.12 -11.59 -14.70
N ARG A 493 2.41 -12.45 -15.44
CA ARG A 493 1.31 -13.22 -14.85
C ARG A 493 1.78 -14.09 -13.69
N TYR A 494 3.00 -14.62 -13.76
CA TYR A 494 3.51 -15.43 -12.68
C TYR A 494 3.88 -14.57 -11.49
N ILE A 495 4.39 -13.36 -11.73
CA ILE A 495 4.70 -12.45 -10.64
C ILE A 495 3.42 -12.05 -9.91
N TYR A 496 2.36 -11.78 -10.67
CA TYR A 496 1.07 -11.49 -10.05
C TYR A 496 0.58 -12.68 -9.22
N ALA A 497 0.67 -13.89 -9.77
CA ALA A 497 0.21 -15.07 -9.04
C ALA A 497 0.99 -15.25 -7.75
N GLN A 498 2.33 -15.14 -7.84
CA GLN A 498 3.19 -15.28 -6.67
C GLN A 498 2.84 -14.25 -5.62
N ARG A 499 2.72 -12.97 -6.00
CA ARG A 499 2.45 -11.94 -5.01
C ARG A 499 1.06 -12.11 -4.41
N GLY A 500 0.07 -12.53 -5.20
CA GLY A 500 -1.25 -12.77 -4.63
C GLY A 500 -1.23 -13.89 -3.61
N TYR A 501 -0.48 -14.95 -3.89
CA TYR A 501 -0.38 -16.07 -2.96
C TYR A 501 0.38 -15.66 -1.71
N GLU A 502 1.52 -14.98 -1.89
CA GLU A 502 2.32 -14.55 -0.76
C GLU A 502 1.53 -13.62 0.13
N HIS A 503 0.77 -12.69 -0.47
CA HIS A 503 -0.03 -11.78 0.34
C HIS A 503 -1.09 -12.56 1.11
N HIS A 504 -1.76 -13.49 0.43
CA HIS A 504 -2.81 -14.28 1.07
C HIS A 504 -2.29 -14.99 2.30
N ILE A 505 -1.11 -15.62 2.19
CA ILE A 505 -0.62 -16.44 3.30
C ILE A 505 0.17 -15.64 4.34
N LEU A 506 0.73 -14.49 3.97
CA LEU A 506 1.60 -13.72 4.86
C LEU A 506 0.87 -12.60 5.60
N LYS A 507 -0.20 -12.04 5.01
CA LYS A 507 -0.82 -10.88 5.63
C LYS A 507 -1.42 -11.13 7.02
N PRO A 508 -1.83 -12.34 7.42
CA PRO A 508 -2.31 -12.49 8.81
C PRO A 508 -1.18 -12.46 9.83
N ASN A 509 0.08 -12.49 9.41
CA ASN A 509 1.21 -12.46 10.33
C ASN A 509 1.99 -11.15 10.27
N GLY A 510 1.53 -10.17 9.49
CA GLY A 510 2.08 -8.83 9.53
C GLY A 510 3.43 -8.65 8.87
N MET A 511 4.00 -9.69 8.27
CA MET A 511 5.29 -9.61 7.61
C MET A 511 5.12 -9.60 6.09
N ILE A 512 6.12 -9.03 5.41
CA ILE A 512 6.15 -9.01 3.96
C ILE A 512 7.18 -10.00 3.46
N ALA A 513 7.00 -10.42 2.20
CA ALA A 513 7.80 -11.49 1.60
C ALA A 513 9.29 -11.16 1.66
N GLU A 514 9.65 -9.93 1.29
CA GLU A 514 11.06 -9.52 1.28
C GLU A 514 11.71 -9.67 2.65
N ASP A 515 10.99 -9.26 3.71
CA ASP A 515 11.57 -9.39 5.05
C ASP A 515 11.78 -10.85 5.42
N VAL A 516 10.81 -11.71 5.09
CA VAL A 516 10.96 -13.15 5.35
C VAL A 516 12.15 -13.71 4.60
N PHE A 517 12.30 -13.31 3.34
CA PHE A 517 13.40 -13.80 2.51
C PHE A 517 14.74 -13.38 3.09
N TRP A 518 14.91 -12.09 3.36
CA TRP A 518 16.20 -11.62 3.84
C TRP A 518 16.49 -12.16 5.24
N ASN A 519 15.45 -12.42 6.04
CA ASN A 519 15.69 -13.02 7.35
C ASN A 519 16.18 -14.45 7.18
N LYS A 520 15.72 -15.14 6.14
CA LYS A 520 16.22 -16.49 5.94
C LYS A 520 17.62 -16.46 5.38
N VAL A 521 17.91 -15.46 4.55
CA VAL A 521 19.24 -15.34 3.97
C VAL A 521 20.26 -15.12 5.09
N ASN A 522 19.94 -14.19 5.99
CA ASN A 522 20.85 -14.00 7.12
C ASN A 522 20.83 -15.21 8.04
N GLY A 523 19.74 -16.00 8.01
CA GLY A 523 19.64 -17.19 8.81
C GLY A 523 20.44 -18.37 8.28
N LEU A 524 20.90 -18.29 7.04
CA LEU A 524 21.70 -19.39 6.49
C LEU A 524 23.13 -19.38 6.99
N ASN A 525 23.52 -18.36 7.76
CA ASN A 525 24.85 -18.21 8.33
C ASN A 525 25.92 -18.33 7.25
N LEU A 526 25.90 -17.33 6.36
CA LEU A 526 26.88 -17.22 5.29
C LEU A 526 28.07 -16.36 5.68
N GLY A 527 27.91 -15.53 6.71
CA GLY A 527 28.98 -14.72 7.25
C GLY A 527 29.29 -13.46 6.46
N LEU A 528 28.93 -13.41 5.18
CA LEU A 528 29.21 -12.26 4.36
C LEU A 528 28.39 -11.06 4.83
N GLN A 529 28.83 -9.88 4.43
CA GLN A 529 28.11 -8.66 4.76
C GLN A 529 26.73 -8.67 4.10
N LEU A 530 25.72 -8.18 4.82
CA LEU A 530 24.36 -8.20 4.30
C LEU A 530 24.25 -7.41 3.01
N GLU A 531 24.97 -6.28 2.91
CA GLU A 531 24.91 -5.51 1.68
C GLU A 531 25.53 -6.29 0.52
N GLU A 532 26.59 -7.04 0.82
CA GLU A 532 27.25 -7.82 -0.22
C GLU A 532 26.35 -8.95 -0.67
N ILE A 533 25.62 -9.58 0.27
CA ILE A 533 24.79 -10.70 -0.12
C ILE A 533 23.59 -10.19 -0.91
N GLN A 534 23.05 -9.02 -0.51
CA GLN A 534 21.95 -8.45 -1.27
C GLN A 534 22.41 -8.13 -2.68
N GLU A 535 23.68 -7.73 -2.82
CA GLU A 535 24.25 -7.49 -4.15
C GLU A 535 24.36 -8.78 -4.93
N THR A 536 24.76 -9.87 -4.26
CA THR A 536 24.91 -11.16 -4.93
C THR A 536 23.57 -11.77 -5.29
N LEU A 537 22.57 -11.65 -4.41
CA LEU A 537 21.27 -12.25 -4.64
C LEU A 537 20.32 -11.30 -5.36
N LYS A 538 20.86 -10.25 -5.99
CA LYS A 538 20.06 -9.35 -6.80
C LYS A 538 19.47 -10.11 -7.99
N ASN A 539 18.14 -10.03 -8.14
CA ASN A 539 17.41 -10.75 -9.19
C ASN A 539 17.69 -12.24 -9.13
N SER A 540 17.71 -12.79 -7.92
CA SER A 540 17.93 -14.21 -7.71
C SER A 540 16.65 -15.00 -7.97
N GLY A 541 16.83 -16.23 -8.42
CA GLY A 541 15.72 -17.13 -8.66
C GLY A 541 15.20 -17.86 -7.45
N SER A 542 15.77 -17.56 -6.28
CA SER A 542 15.45 -18.23 -5.02
C SER A 542 14.31 -17.56 -4.28
N GLU A 543 13.70 -16.52 -4.85
CA GLU A 543 12.56 -15.85 -4.20
C GLU A 543 11.23 -16.53 -4.48
N CYS A 544 11.16 -17.44 -5.44
CA CYS A 544 9.91 -18.11 -5.77
C CYS A 544 10.20 -19.56 -6.16
N GLY A 545 9.51 -20.50 -5.50
CA GLY A 545 9.75 -21.91 -5.74
C GLY A 545 9.57 -22.34 -7.18
N SER A 546 8.63 -21.71 -7.89
CA SER A 546 8.39 -22.12 -9.26
C SER A 546 9.44 -21.58 -10.21
N CYS A 547 10.42 -20.84 -9.70
CA CYS A 547 11.55 -20.39 -10.49
C CYS A 547 12.81 -21.17 -10.13
N PHE A 548 12.62 -22.29 -9.42
CA PHE A 548 13.74 -23.14 -9.02
C PHE A 548 14.63 -23.48 -10.21
N TRP A 549 14.01 -23.87 -11.32
CA TRP A 549 14.79 -24.35 -12.45
C TRP A 549 15.49 -23.19 -13.12
N ALA A 550 14.89 -22.00 -13.05
CA ALA A 550 15.55 -20.83 -13.61
C ALA A 550 16.87 -20.59 -12.90
N GLU A 551 16.88 -20.78 -11.59
CA GLU A 551 18.12 -20.56 -10.84
C GLU A 551 19.13 -21.62 -11.23
N VAL A 552 18.67 -22.86 -11.43
CA VAL A 552 19.59 -23.91 -11.84
C VAL A 552 20.24 -23.51 -13.16
N GLU A 553 19.42 -23.00 -14.10
CA GLU A 553 19.97 -22.57 -15.38
C GLU A 553 21.03 -21.49 -15.18
N GLU A 554 20.78 -20.60 -14.23
CA GLU A 554 21.73 -19.51 -14.00
C GLU A 554 22.95 -19.98 -13.24
N LEU A 555 22.84 -21.09 -12.49
CA LEU A 555 23.97 -21.54 -11.68
C LEU A 555 24.85 -22.54 -12.40
N LYS A 556 24.30 -23.38 -13.27
CA LYS A 556 25.13 -24.34 -13.99
C LYS A 556 26.02 -23.62 -14.99
N GLY A 557 27.25 -24.10 -15.14
CA GLY A 557 28.23 -23.51 -16.03
C GLY A 557 29.19 -22.56 -15.34
N LYS A 558 28.74 -21.93 -14.25
CA LYS A 558 29.58 -20.99 -13.51
C LYS A 558 30.47 -21.73 -12.52
N PRO A 559 31.67 -21.20 -12.26
CA PRO A 559 32.51 -21.77 -11.20
C PRO A 559 31.83 -21.70 -9.85
N TYR A 560 32.21 -22.64 -8.97
CA TYR A 560 31.55 -22.75 -7.67
C TYR A 560 31.80 -21.52 -6.81
N GLU A 561 33.04 -21.02 -6.79
CA GLU A 561 33.36 -19.84 -6.00
C GLU A 561 32.55 -18.63 -6.45
N GLU A 562 32.29 -18.53 -7.75
CA GLU A 562 31.58 -17.38 -8.29
C GLU A 562 30.13 -17.34 -7.79
N VAL A 563 29.50 -18.49 -7.61
CA VAL A 563 28.08 -18.53 -7.26
C VAL A 563 27.85 -19.45 -6.06
N GLU A 564 28.82 -19.51 -5.14
CA GLU A 564 28.67 -20.37 -3.97
C GLU A 564 27.49 -19.91 -3.12
N VAL A 565 27.37 -18.60 -2.91
CA VAL A 565 26.31 -18.06 -2.07
C VAL A 565 24.95 -18.42 -2.65
N ARG A 566 24.80 -18.26 -3.97
CA ARG A 566 23.52 -18.55 -4.60
C ARG A 566 23.23 -20.05 -4.55
N VAL A 567 24.28 -20.88 -4.55
CA VAL A 567 24.09 -22.32 -4.47
C VAL A 567 23.56 -22.70 -3.10
N LYS A 568 24.22 -22.23 -2.04
CA LYS A 568 23.77 -22.57 -0.70
C LYS A 568 22.40 -21.96 -0.42
N THR A 569 22.08 -20.83 -1.07
CA THR A 569 20.75 -20.26 -0.93
C THR A 569 19.72 -21.17 -1.57
N LEU A 570 19.98 -21.62 -2.80
CA LEU A 570 19.05 -22.49 -3.49
C LEU A 570 18.85 -23.79 -2.70
N GLU A 571 19.91 -24.27 -2.06
CA GLU A 571 19.81 -25.49 -1.26
C GLU A 571 19.00 -25.26 0.01
N GLY A 572 19.09 -24.06 0.59
CA GLY A 572 18.39 -23.76 1.83
C GLY A 572 16.89 -23.59 1.67
N MET A 573 16.42 -23.32 0.46
CA MET A 573 15.00 -23.08 0.19
C MET A 573 14.25 -24.35 -0.23
N LEU A 574 14.98 -25.43 -0.51
CA LEU A 574 14.40 -26.58 -1.21
C LEU A 574 13.33 -27.29 -0.38
N ARG A 575 13.60 -27.53 0.91
CA ARG A 575 12.66 -28.32 1.71
C ARG A 575 11.32 -27.62 1.89
N GLU A 576 11.30 -26.31 2.18
CA GLU A 576 10.01 -25.65 2.29
C GLU A 576 9.28 -25.63 0.95
N TRP A 577 10.01 -25.44 -0.14
CA TRP A 577 9.41 -25.50 -1.46
C TRP A 577 8.74 -26.85 -1.72
N ILE A 578 9.41 -27.94 -1.37
CA ILE A 578 8.83 -29.27 -1.54
C ILE A 578 7.62 -29.47 -0.63
N THR A 579 7.75 -29.12 0.65
CA THR A 579 6.65 -29.27 1.60
C THR A 579 5.41 -28.47 1.17
N ALA A 580 5.61 -27.26 0.67
CA ALA A 580 4.52 -26.38 0.24
C ALA A 580 3.97 -26.76 -1.12
N GLY A 581 4.66 -27.62 -1.85
CA GLY A 581 4.22 -28.06 -3.15
C GLY A 581 4.66 -27.18 -4.30
N GLU A 582 5.58 -26.25 -4.04
CA GLU A 582 6.08 -25.38 -5.11
C GLU A 582 7.00 -26.15 -6.03
N VAL A 583 7.69 -27.16 -5.51
CA VAL A 583 8.61 -27.99 -6.26
C VAL A 583 8.25 -29.45 -6.01
N ASP A 584 8.20 -30.24 -7.08
CA ASP A 584 7.87 -31.65 -6.99
C ASP A 584 9.10 -32.47 -6.64
N GLU A 585 9.04 -33.21 -5.53
CA GLU A 585 10.19 -33.99 -5.11
C GLU A 585 10.39 -35.22 -5.98
N LYS A 586 9.37 -35.63 -6.73
CA LYS A 586 9.47 -36.79 -7.61
C LYS A 586 10.19 -36.48 -8.90
N GLU A 587 10.50 -35.21 -9.15
CA GLU A 587 11.03 -34.74 -10.42
C GLU A 587 12.49 -34.33 -10.29
N ILE A 588 12.80 -33.37 -9.42
CA ILE A 588 14.07 -32.66 -9.44
C ILE A 588 15.23 -33.58 -9.12
N PHE A 589 14.98 -34.72 -8.48
CA PHE A 589 16.03 -35.63 -8.08
C PHE A 589 16.21 -36.79 -9.04
N LEU A 590 15.45 -36.82 -10.13
CA LEU A 590 15.54 -37.92 -11.08
C LEU A 590 16.95 -38.00 -11.67
N GLU A 591 17.31 -39.21 -12.12
CA GLU A 591 18.66 -39.46 -12.61
C GLU A 591 19.01 -38.55 -13.79
N GLY A 592 18.06 -38.33 -14.69
CA GLY A 592 18.27 -37.52 -15.87
C GLY A 592 17.92 -36.06 -15.70
N SER A 593 17.66 -35.62 -14.47
CA SER A 593 17.32 -34.24 -14.22
C SER A 593 18.55 -33.34 -14.33
N THR A 594 18.37 -32.19 -14.97
CA THR A 594 19.43 -31.21 -15.12
C THR A 594 20.01 -30.81 -13.76
N PHE A 595 19.14 -30.62 -12.77
CA PHE A 595 19.60 -30.24 -11.44
C PHE A 595 20.52 -31.32 -10.86
N ARG A 596 20.13 -32.58 -10.97
CA ARG A 596 20.93 -33.66 -10.41
C ARG A 596 22.25 -33.80 -11.17
N LYS A 597 22.19 -33.74 -12.50
CA LYS A 597 23.40 -33.85 -13.32
C LYS A 597 24.38 -32.73 -13.01
N TRP A 598 23.89 -31.55 -12.68
CA TRP A 598 24.79 -30.44 -12.36
C TRP A 598 25.28 -30.60 -10.93
N TRP A 599 24.40 -31.07 -10.05
CA TRP A 599 24.70 -31.21 -8.64
C TRP A 599 25.82 -32.21 -8.39
N ILE A 600 25.94 -33.24 -9.22
CA ILE A 600 26.99 -34.22 -8.99
C ILE A 600 28.36 -33.60 -9.26
N THR A 601 28.43 -32.70 -10.23
CA THR A 601 29.69 -32.08 -10.62
C THR A 601 30.21 -31.07 -9.60
N LEU A 602 29.43 -30.75 -8.57
CA LEU A 602 29.93 -29.87 -7.52
C LEU A 602 31.08 -30.56 -6.77
N PRO A 603 31.98 -29.78 -6.17
CA PRO A 603 33.08 -30.37 -5.40
C PRO A 603 32.57 -31.32 -4.32
N LYS A 604 33.34 -32.38 -4.07
CA LYS A 604 32.90 -33.40 -3.12
C LYS A 604 32.89 -32.84 -1.70
N ASN A 605 33.72 -31.83 -1.43
CA ASN A 605 33.75 -31.23 -0.09
C ASN A 605 32.41 -30.59 0.22
N HIS A 606 31.75 -30.03 -0.79
CA HIS A 606 30.44 -29.42 -0.58
C HIS A 606 29.38 -30.50 -0.46
N LYS A 607 29.42 -31.50 -1.34
CA LYS A 607 28.40 -32.53 -1.36
C LYS A 607 28.40 -33.33 -0.07
N SER A 608 29.57 -33.49 0.56
CA SER A 608 29.67 -34.29 1.77
C SER A 608 28.84 -33.68 2.90
N HIS A 609 28.96 -32.37 3.10
CA HIS A 609 28.26 -31.64 4.14
C HIS A 609 27.10 -30.82 3.57
N SER A 610 26.57 -31.22 2.41
CA SER A 610 25.39 -30.63 1.80
C SER A 610 24.13 -31.27 2.38
N PRO A 611 23.06 -30.50 2.58
CA PRO A 611 21.82 -31.07 3.12
C PRO A 611 21.13 -32.05 2.19
N LEU A 612 21.57 -32.18 0.94
CA LEU A 612 20.91 -33.01 -0.04
C LEU A 612 21.63 -34.33 -0.28
N ARG A 613 22.72 -34.57 0.45
CA ARG A 613 23.51 -35.79 0.30
C ARG A 613 22.66 -37.03 0.53
N ASP A 614 21.76 -36.97 1.50
CA ASP A 614 20.94 -38.10 1.93
C ASP A 614 19.72 -38.31 1.04
N TYR A 615 19.64 -37.61 -0.10
CA TYR A 615 18.49 -37.70 -0.99
C TYR A 615 18.86 -38.18 -2.38
N MET A 616 20.15 -38.30 -2.69
CA MET A 616 20.65 -38.82 -3.95
C MET A 616 21.92 -39.63 -3.69
N MET A 617 22.03 -40.77 -4.38
CA MET A 617 23.22 -41.59 -4.25
C MET A 617 24.46 -40.89 -4.81
N ASP A 618 25.58 -41.07 -4.13
CA ASP A 618 26.84 -40.45 -4.51
C ASP A 618 27.34 -41.02 -5.83
N GLU A 619 28.37 -40.39 -6.39
CA GLU A 619 28.99 -40.88 -7.62
C GLU A 619 29.99 -41.98 -7.27
N ILE A 620 29.63 -43.22 -7.61
CA ILE A 620 30.49 -44.36 -7.35
C ILE A 620 30.79 -45.08 -8.67
N GLN B 3 10.13 18.33 16.59
CA GLN B 3 10.89 18.72 17.78
C GLN B 3 12.19 17.94 17.88
N LEU B 4 12.93 17.87 16.78
CA LEU B 4 14.19 17.13 16.70
C LEU B 4 15.35 18.12 16.59
N GLN B 5 16.34 17.95 17.46
CA GLN B 5 17.46 18.88 17.57
C GLN B 5 18.78 18.12 17.58
N GLU B 6 19.76 18.65 16.85
CA GLU B 6 21.08 18.07 16.74
C GLU B 6 22.09 18.84 17.60
N SER B 7 23.25 18.22 17.81
CA SER B 7 24.35 18.84 18.53
C SER B 7 25.61 18.01 18.28
N GLY B 8 26.76 18.61 18.56
CA GLY B 8 28.02 17.93 18.45
C GLY B 8 28.87 18.26 17.24
N GLY B 9 28.57 19.34 16.52
CA GLY B 9 29.37 19.74 15.37
C GLY B 9 30.54 20.61 15.79
N GLY B 10 31.71 20.33 15.21
CA GLY B 10 32.91 21.07 15.50
C GLY B 10 33.82 21.11 14.30
N LEU B 11 35.00 21.70 14.49
CA LEU B 11 36.01 21.82 13.45
C LEU B 11 37.23 21.02 13.84
N VAL B 12 37.61 20.06 13.00
CA VAL B 12 38.79 19.23 13.23
C VAL B 12 39.31 18.77 11.88
N GLN B 13 40.62 18.51 11.81
CA GLN B 13 41.25 18.09 10.57
C GLN B 13 41.00 16.62 10.29
N ALA B 14 41.83 16.03 9.43
CA ALA B 14 41.64 14.63 9.04
C ALA B 14 41.94 13.71 10.22
N GLY B 15 41.26 12.56 10.23
CA GLY B 15 41.44 11.58 11.29
C GLY B 15 40.79 11.93 12.61
N GLY B 16 39.99 12.99 12.65
CA GLY B 16 39.36 13.37 13.90
C GLY B 16 38.22 12.44 14.29
N SER B 17 37.95 12.39 15.59
CA SER B 17 36.89 11.55 16.15
C SER B 17 35.82 12.47 16.73
N LEU B 18 34.63 12.44 16.13
CA LEU B 18 33.52 13.28 16.55
C LEU B 18 32.33 12.40 16.94
N ARG B 19 31.42 12.97 17.72
CA ARG B 19 30.22 12.25 18.16
C ARG B 19 29.02 13.19 18.06
N LEU B 20 28.23 13.02 17.00
CA LEU B 20 27.03 13.82 16.81
C LEU B 20 25.87 13.21 17.59
N SER B 21 25.17 14.03 18.37
CA SER B 21 24.01 13.61 19.12
C SER B 21 22.76 14.24 18.52
N CYS B 22 21.65 13.49 18.56
CA CYS B 22 20.40 13.92 17.97
C CYS B 22 19.26 13.49 18.90
N ALA B 23 18.57 14.46 19.50
CA ALA B 23 17.54 14.17 20.48
C ALA B 23 16.21 14.78 20.06
N GLY B 24 15.12 14.18 20.54
CA GLY B 24 13.78 14.64 20.21
C GLY B 24 12.94 14.84 21.47
N SER B 25 11.71 15.32 21.25
CA SER B 25 10.77 15.58 22.32
C SER B 25 9.62 14.59 22.37
N GLY B 26 9.31 13.91 21.27
CA GLY B 26 8.30 12.88 21.25
C GLY B 26 8.93 11.49 21.37
N ARG B 27 8.11 10.53 21.79
CA ARG B 27 8.59 9.17 21.95
C ARG B 27 9.04 8.59 20.61
N THR B 28 10.32 8.77 20.29
CA THR B 28 10.85 8.44 18.98
C THR B 28 11.59 7.10 18.97
N PHE B 29 12.75 7.05 19.62
CA PHE B 29 13.63 5.89 19.75
C PHE B 29 13.38 4.77 18.74
N SER B 30 12.81 3.66 19.20
CA SER B 30 12.73 2.43 18.43
C SER B 30 11.45 2.30 17.60
N THR B 31 10.55 3.28 17.66
CA THR B 31 9.39 3.24 16.77
C THR B 31 9.58 4.11 15.53
N TYR B 32 10.53 5.05 15.56
CA TYR B 32 10.97 5.78 14.38
C TYR B 32 12.36 5.27 14.02
N ASP B 33 12.50 4.69 12.84
CA ASP B 33 13.81 4.20 12.42
C ASP B 33 14.72 5.38 12.09
N MET B 34 15.82 5.50 12.82
CA MET B 34 16.71 6.66 12.69
C MET B 34 17.44 6.63 11.35
N ALA B 35 18.00 7.78 10.99
CA ALA B 35 18.83 7.90 9.80
C ALA B 35 19.66 9.17 9.90
N TRP B 36 20.84 9.14 9.29
CA TRP B 36 21.70 10.30 9.17
C TRP B 36 21.95 10.58 7.69
N PHE B 37 21.74 11.84 7.31
CA PHE B 37 22.06 12.36 5.99
C PHE B 37 23.05 13.51 6.13
N ARG B 38 23.76 13.80 5.05
CA ARG B 38 24.65 14.95 5.03
C ARG B 38 24.36 15.79 3.78
N GLN B 39 24.32 17.10 3.98
CA GLN B 39 24.12 18.06 2.89
C GLN B 39 25.45 18.76 2.67
N ALA B 40 26.11 18.45 1.57
CA ALA B 40 27.31 19.16 1.20
C ALA B 40 26.96 20.40 0.40
N PRO B 41 27.76 21.47 0.51
CA PRO B 41 27.44 22.71 -0.22
C PRO B 41 27.30 22.51 -1.71
N GLY B 42 26.05 22.53 -2.19
CA GLY B 42 25.74 22.31 -3.58
C GLY B 42 25.42 20.88 -3.95
N LYS B 43 26.03 19.91 -3.26
CA LYS B 43 25.76 18.52 -3.50
C LYS B 43 24.41 18.12 -2.91
N GLU B 44 23.83 17.06 -3.45
CA GLU B 44 22.55 16.56 -2.97
C GLU B 44 22.68 16.05 -1.54
N ARG B 45 21.55 16.05 -0.82
CA ARG B 45 21.51 15.43 0.50
C ARG B 45 21.77 13.95 0.39
N GLU B 46 23.03 13.57 0.17
CA GLU B 46 23.39 12.18 -0.04
C GLU B 46 23.17 11.38 1.24
N PHE B 47 22.63 10.17 1.08
CA PHE B 47 22.31 9.34 2.23
C PHE B 47 23.58 8.80 2.86
N VAL B 48 23.68 8.96 4.19
CA VAL B 48 24.81 8.42 4.94
C VAL B 48 24.44 7.04 5.45
N SER B 49 23.46 6.98 6.35
CA SER B 49 23.09 5.69 6.93
C SER B 49 21.70 5.78 7.55
N SER B 50 21.24 4.65 8.08
CA SER B 50 19.95 4.58 8.76
C SER B 50 19.94 3.39 9.70
N ILE B 51 19.35 3.58 10.87
CA ILE B 51 19.10 2.51 11.83
C ILE B 51 17.67 2.04 11.64
N SER B 52 17.48 0.72 11.60
CA SER B 52 16.15 0.16 11.39
C SER B 52 15.35 0.11 12.68
N SER B 53 15.31 1.23 13.41
CA SER B 53 14.55 1.36 14.65
C SER B 53 14.88 0.25 15.64
N SER B 54 13.88 -0.53 16.03
CA SER B 54 14.11 -1.62 16.98
C SER B 54 15.04 -2.68 16.42
N GLY B 55 14.91 -2.99 15.13
CA GLY B 55 15.75 -4.01 14.54
C GLY B 55 17.17 -3.52 14.36
N GLY B 56 18.14 -4.37 14.67
CA GLY B 56 19.53 -4.02 14.55
C GLY B 56 20.05 -3.96 13.14
N ASN B 57 19.17 -4.05 12.14
CA ASN B 57 19.58 -3.94 10.75
C ASN B 57 20.07 -2.53 10.46
N VAL B 58 21.23 -2.43 9.83
CA VAL B 58 21.81 -1.13 9.50
C VAL B 58 22.78 -1.32 8.33
N VAL B 59 22.72 -0.40 7.37
CA VAL B 59 23.56 -0.47 6.18
C VAL B 59 24.14 0.93 5.94
N TYR B 60 25.44 1.07 6.10
CA TYR B 60 26.14 2.27 5.67
C TYR B 60 26.37 2.22 4.17
N ARG B 61 26.88 3.31 3.61
CA ARG B 61 27.11 3.40 2.17
C ARG B 61 28.57 3.76 1.88
N ASP B 62 29.35 2.76 1.53
CA ASP B 62 30.64 2.94 0.87
C ASP B 62 31.61 3.80 1.66
N SER B 63 31.51 5.13 1.49
CA SER B 63 32.51 6.05 2.01
C SER B 63 32.70 5.93 3.52
N VAL B 64 31.77 5.29 4.22
CA VAL B 64 31.76 5.29 5.67
C VAL B 64 32.09 3.94 6.28
N LYS B 65 31.66 2.84 5.65
CA LYS B 65 31.66 1.49 6.22
C LYS B 65 32.92 1.18 7.03
N GLY B 66 32.78 1.17 8.36
CA GLY B 66 33.89 0.92 9.26
C GLY B 66 34.54 2.15 9.83
N ARG B 67 33.89 3.32 9.74
CA ARG B 67 34.50 4.55 10.24
C ARG B 67 33.51 5.41 11.00
N PHE B 68 32.28 5.55 10.49
CA PHE B 68 31.21 6.24 11.20
C PHE B 68 30.22 5.19 11.69
N THR B 69 30.17 4.98 13.01
CA THR B 69 29.20 4.08 13.60
C THR B 69 27.91 4.83 13.89
N ILE B 70 26.81 4.10 13.96
CA ILE B 70 25.51 4.66 14.29
C ILE B 70 24.92 3.88 15.46
N ALA B 71 24.30 4.59 16.40
CA ALA B 71 23.74 3.96 17.58
C ALA B 71 22.47 4.68 18.00
N ARG B 72 21.58 3.94 18.63
CA ARG B 72 20.32 4.48 19.14
C ARG B 72 20.29 4.33 20.66
N ASP B 73 19.46 5.15 21.30
CA ASP B 73 19.30 5.13 22.74
C ASP B 73 17.82 5.32 23.04
N ASN B 74 17.17 4.26 23.57
CA ASN B 74 15.77 4.36 23.89
C ASN B 74 15.52 5.03 25.24
N ALA B 75 16.46 4.88 26.18
CA ALA B 75 16.32 5.54 27.47
C ALA B 75 16.43 7.06 27.33
N ALA B 76 17.28 7.53 26.43
CA ALA B 76 17.43 8.95 26.15
C ALA B 76 16.83 9.35 24.82
N ASN B 77 16.17 8.41 24.13
CA ASN B 77 15.53 8.63 22.82
C ASN B 77 16.41 9.47 21.90
N ALA B 78 17.68 9.08 21.80
CA ALA B 78 18.67 9.85 21.07
C ALA B 78 19.37 8.97 20.04
N VAL B 79 20.08 9.65 19.14
CA VAL B 79 20.85 9.01 18.08
C VAL B 79 22.29 9.50 18.18
N TYR B 80 23.25 8.58 18.04
CA TYR B 80 24.67 8.88 18.17
C TYR B 80 25.38 8.47 16.90
N LEU B 81 26.01 9.43 16.22
CA LEU B 81 26.79 9.18 15.03
C LEU B 81 28.26 9.40 15.36
N GLN B 82 29.01 8.30 15.43
CA GLN B 82 30.45 8.35 15.68
C GLN B 82 31.19 8.50 14.35
N MET B 83 32.09 9.47 14.28
CA MET B 83 32.80 9.82 13.05
C MET B 83 34.30 9.75 13.33
N ASN B 84 34.89 8.59 13.05
CA ASN B 84 36.31 8.36 13.20
C ASN B 84 36.97 8.33 11.82
N SER B 85 38.25 8.72 11.78
CA SER B 85 39.02 8.80 10.54
C SER B 85 38.30 9.68 9.52
N LEU B 86 38.11 10.95 9.90
CA LEU B 86 37.40 11.89 9.06
C LEU B 86 38.17 12.20 7.78
N LYS B 87 37.42 12.53 6.73
CA LYS B 87 37.92 12.87 5.41
C LYS B 87 37.61 14.33 5.10
N PRO B 88 38.53 15.06 4.46
CA PRO B 88 38.21 16.44 4.05
C PRO B 88 37.01 16.55 3.15
N GLU B 89 36.55 15.45 2.55
CA GLU B 89 35.36 15.43 1.71
C GLU B 89 34.08 15.22 2.50
N ASP B 90 34.16 15.14 3.83
CA ASP B 90 32.99 14.97 4.68
C ASP B 90 32.44 16.28 5.22
N THR B 91 33.07 17.41 4.88
CA THR B 91 32.61 18.72 5.34
C THR B 91 31.21 19.01 4.83
N ALA B 92 30.22 19.00 5.72
CA ALA B 92 28.83 19.15 5.30
C ALA B 92 27.99 19.46 6.53
N VAL B 93 26.72 19.75 6.29
CA VAL B 93 25.74 19.94 7.36
C VAL B 93 25.04 18.60 7.57
N TYR B 94 25.24 17.99 8.73
CA TYR B 94 24.65 16.71 9.03
C TYR B 94 23.27 16.88 9.64
N TYR B 95 22.31 16.06 9.17
CA TYR B 95 20.95 16.06 9.66
C TYR B 95 20.57 14.65 10.07
N CYS B 96 19.75 14.55 11.11
CA CYS B 96 19.16 13.28 11.53
C CYS B 96 17.68 13.29 11.18
N ALA B 97 17.24 12.23 10.50
CA ALA B 97 15.86 12.09 10.06
C ALA B 97 15.31 10.77 10.59
N ALA B 98 14.19 10.85 11.31
CA ALA B 98 13.51 9.68 11.85
C ALA B 98 12.04 9.75 11.46
N LYS B 99 11.54 8.70 10.84
CA LYS B 99 10.16 8.69 10.36
C LYS B 99 9.73 7.29 9.96
N TRP B 100 8.56 6.88 10.40
CA TRP B 100 7.97 5.61 9.95
C TRP B 100 6.57 5.86 9.41
N LEU B 101 5.83 4.79 9.13
CA LEU B 101 4.56 4.82 8.42
C LEU B 101 4.67 5.44 7.04
N ALA B 102 5.89 5.69 6.56
CA ALA B 102 6.10 6.37 5.30
C ALA B 102 7.29 5.76 4.58
N ALA B 103 7.32 5.93 3.25
CA ALA B 103 8.43 5.43 2.46
C ALA B 103 9.71 6.21 2.76
N ASP B 104 9.71 7.51 2.50
CA ASP B 104 10.85 8.36 2.74
C ASP B 104 10.67 9.12 4.06
N TYR B 105 11.79 9.42 4.71
CA TYR B 105 11.75 10.10 6.00
C TYR B 105 11.45 11.59 5.82
N ASN B 106 10.89 12.18 6.86
CA ASN B 106 10.47 13.59 6.73
C ASN B 106 10.36 14.33 8.06
N TYR B 107 10.90 13.80 9.16
CA TYR B 107 11.02 14.55 10.41
C TYR B 107 12.47 14.96 10.56
N TRP B 108 12.81 16.09 9.92
CA TRP B 108 14.18 16.59 9.91
C TRP B 108 14.39 17.60 11.02
N GLY B 109 15.64 17.73 11.45
CA GLY B 109 16.04 18.69 12.45
C GLY B 109 16.77 19.88 11.85
N GLN B 110 17.45 20.62 12.72
CA GLN B 110 18.20 21.80 12.28
C GLN B 110 19.55 21.44 11.67
N GLY B 111 20.10 20.28 12.02
CA GLY B 111 21.41 19.89 11.51
C GLY B 111 22.55 20.65 12.15
N THR B 112 23.78 20.20 11.91
CA THR B 112 24.95 20.87 12.47
C THR B 112 26.10 20.78 11.48
N GLN B 113 26.90 21.84 11.42
CA GLN B 113 28.02 21.89 10.49
C GLN B 113 29.17 21.02 10.99
N VAL B 114 29.84 20.35 10.05
CA VAL B 114 31.05 19.57 10.34
C VAL B 114 32.06 19.91 9.25
N THR B 115 33.18 20.49 9.66
CA THR B 115 34.22 20.95 8.74
C THR B 115 35.49 20.15 8.96
N VAL B 116 36.06 19.65 7.88
CA VAL B 116 37.31 18.88 7.91
C VAL B 116 38.27 19.50 6.90
N SER B 117 39.43 19.95 7.38
CA SER B 117 40.43 20.56 6.52
C SER B 117 41.57 19.59 6.24
N SER B 118 42.77 20.11 6.03
CA SER B 118 43.93 19.27 5.75
C SER B 118 45.07 19.54 6.74
#